data_9F17
#
_entry.id   9F17
#
_cell.length_a   69.150
_cell.length_b   122.700
_cell.length_c   70.150
_cell.angle_alpha   90.000
_cell.angle_beta   113.360
_cell.angle_gamma   90.000
#
_symmetry.space_group_name_H-M   'P 1 21 1'
#
loop_
_entity.id
_entity.type
_entity.pdbx_description
1 polymer 'Adenylosuccinate synthetase'
2 non-polymer 'CALCIUM ION'
3 non-polymer "GUANOSINE-5'-DIPHOSPHATE"
4 non-polymer 'INOSINIC ACID'
5 non-polymer 'SULFATE ION'
6 non-polymer GLYCEROL
7 water water
#
_entity_poly.entity_id   1
_entity_poly.type   'polypeptide(L)'
_entity_poly.pdbx_seq_one_letter_code
;SHMADVVVGIQWGDEGKGKIVDRIAKDYDFVVRYQGGHNAGHTIVHKGVKHSLHLMPSGVLYPKCKNIISSAVVVSVKDL
CEEISAFEDLENRLFVSDRAHVILPYHAKKDAFKEKSQNIGTTKKGIGPCYEDKMARSGIRMGDLLDDKILEEKLNAHFK
AIEPFKKAYDLGENYEKDLMGYFKTYAPKICPFIKDTTSMLIEANQKGEKILLEGAQGTLLDIDLGTYPFVTSSNTTSAS
ACVSTGLNPKAINEVIGITKAYSTRVGNGPFPSEDTTPMGDHLRTKGAEFGTTTKRPRRCGWLDLVALKYACALNGCTQL
ALMKLDVLDGIDAIKVCVAYERKGERLEIFPSDLKDCVPIYQTFKGWEKSVGVRKLDDLEPNVREYIRFIEKEVGVKIRL
ISTSPEREDTIFL
;
_entity_poly.pdbx_strand_id   A,B
#
# COMPACT_ATOMS: atom_id res chain seq x y z
N SER A 1 -10.63 1.54 17.03
CA SER A 1 -11.75 2.12 16.27
C SER A 1 -11.94 3.60 16.60
N HIS A 2 -11.13 4.47 15.99
CA HIS A 2 -11.26 5.91 16.18
C HIS A 2 -12.43 6.40 15.32
N MET A 3 -12.21 7.44 14.53
CA MET A 3 -13.31 8.16 13.89
C MET A 3 -13.35 8.05 12.38
N ALA A 4 -12.57 7.16 11.77
CA ALA A 4 -12.45 7.10 10.31
C ALA A 4 -13.21 5.90 9.79
N ASP A 5 -14.17 6.15 8.91
CA ASP A 5 -14.95 5.10 8.28
C ASP A 5 -14.52 5.00 6.81
N VAL A 6 -14.59 3.80 6.26
CA VAL A 6 -14.10 3.53 4.91
C VAL A 6 -15.21 2.92 4.08
N VAL A 7 -15.38 3.42 2.86
CA VAL A 7 -16.29 2.84 1.86
C VAL A 7 -15.42 2.17 0.80
N VAL A 8 -15.60 0.86 0.59
CA VAL A 8 -14.78 0.12 -0.37
C VAL A 8 -15.69 -0.70 -1.27
N GLY A 9 -15.37 -0.72 -2.57
CA GLY A 9 -16.06 -1.61 -3.50
C GLY A 9 -15.49 -3.00 -3.34
N ILE A 10 -16.35 -4.00 -3.14
CA ILE A 10 -15.85 -5.33 -2.82
C ILE A 10 -15.89 -6.28 -4.02
N GLN A 11 -16.21 -5.79 -5.20
CA GLN A 11 -16.20 -6.59 -6.42
C GLN A 11 -15.12 -6.03 -7.36
N TRP A 12 -15.43 -5.76 -8.64
CA TRP A 12 -14.48 -5.20 -9.59
C TRP A 12 -14.91 -3.78 -10.01
N GLY A 13 -15.29 -2.95 -9.03
CA GLY A 13 -15.63 -1.56 -9.31
C GLY A 13 -17.08 -1.39 -9.74
N ASP A 14 -17.48 -0.12 -9.87
CA ASP A 14 -18.81 0.26 -10.35
C ASP A 14 -19.93 -0.32 -9.50
N GLU A 15 -19.66 -0.57 -8.20
CA GLU A 15 -20.64 -1.17 -7.31
C GLU A 15 -21.69 -0.18 -6.81
N GLY A 16 -21.41 1.11 -6.88
CA GLY A 16 -22.30 2.13 -6.30
C GLY A 16 -21.66 2.93 -5.17
N LYS A 17 -20.33 3.02 -5.18
CA LYS A 17 -19.63 3.70 -4.09
C LYS A 17 -19.95 5.19 -4.04
N GLY A 18 -20.00 5.85 -5.20
CA GLY A 18 -20.34 7.27 -5.22
C GLY A 18 -21.70 7.57 -4.60
N LYS A 19 -22.71 6.78 -4.97
CA LYS A 19 -24.04 6.95 -4.36
C LYS A 19 -23.98 6.85 -2.84
N ILE A 20 -23.29 5.82 -2.31
CA ILE A 20 -23.29 5.63 -0.86
C ILE A 20 -22.54 6.74 -0.16
N VAL A 21 -21.37 7.14 -0.70
CA VAL A 21 -20.62 8.23 -0.08
C VAL A 21 -21.45 9.50 -0.03
N ASP A 22 -22.10 9.84 -1.14
CA ASP A 22 -22.92 11.05 -1.16
C ASP A 22 -24.12 10.94 -0.22
N ARG A 23 -24.69 9.74 -0.09
CA ARG A 23 -25.80 9.54 0.84
C ARG A 23 -25.39 9.82 2.28
N ILE A 24 -24.17 9.44 2.68
CA ILE A 24 -23.78 9.55 4.09
C ILE A 24 -22.85 10.71 4.40
N ALA A 25 -22.33 11.42 3.39
CA ALA A 25 -21.24 12.37 3.62
C ALA A 25 -21.62 13.52 4.55
N LYS A 26 -22.90 13.89 4.62
CA LYS A 26 -23.26 15.09 5.38
C LYS A 26 -22.86 15.03 6.84
N ASP A 27 -22.71 13.82 7.38
CA ASP A 27 -22.35 13.61 8.79
C ASP A 27 -20.85 13.52 9.03
N TYR A 28 -20.02 13.93 8.08
CA TYR A 28 -18.57 13.82 8.23
C TYR A 28 -17.92 15.18 8.04
N ASP A 29 -16.79 15.39 8.72
CA ASP A 29 -16.03 16.62 8.54
C ASP A 29 -15.12 16.56 7.31
N PHE A 30 -14.60 15.37 6.96
CA PHE A 30 -13.70 15.19 5.82
C PHE A 30 -14.19 14.03 4.96
N VAL A 31 -14.07 14.17 3.64
CA VAL A 31 -14.32 13.09 2.69
C VAL A 31 -13.08 12.98 1.81
N VAL A 32 -12.48 11.79 1.74
CA VAL A 32 -11.11 11.61 1.26
C VAL A 32 -11.07 10.57 0.14
N ARG A 33 -10.62 10.97 -1.05
CA ARG A 33 -10.22 10.00 -2.07
C ARG A 33 -8.77 9.63 -1.80
N TYR A 34 -8.48 8.34 -1.75
CA TYR A 34 -7.16 7.93 -1.26
C TYR A 34 -6.29 7.18 -2.25
N GLN A 35 -6.83 6.66 -3.36
CA GLN A 35 -5.97 5.98 -4.34
C GLN A 35 -6.59 6.06 -5.71
N GLY A 36 -5.87 5.52 -6.71
CA GLY A 36 -6.35 5.63 -8.08
C GLY A 36 -6.28 7.05 -8.63
N GLY A 37 -6.98 7.25 -9.75
CA GLY A 37 -6.95 8.53 -10.45
C GLY A 37 -8.29 8.81 -11.04
N HIS A 38 -8.27 9.41 -12.23
CA HIS A 38 -9.48 9.70 -12.96
C HIS A 38 -9.91 8.52 -13.81
N ASN A 39 -9.27 7.35 -13.64
CA ASN A 39 -9.88 6.10 -14.10
C ASN A 39 -11.20 5.85 -13.39
N ALA A 40 -11.35 6.33 -12.16
CA ALA A 40 -12.61 6.19 -11.43
C ALA A 40 -13.68 7.05 -12.10
N GLY A 41 -14.92 6.58 -11.98
CA GLY A 41 -16.11 7.36 -12.33
C GLY A 41 -17.20 7.06 -11.32
N HIS A 42 -17.52 8.01 -10.46
CA HIS A 42 -18.47 7.79 -9.37
C HIS A 42 -19.70 8.67 -9.62
N THR A 43 -20.85 8.03 -9.84
CA THR A 43 -22.06 8.73 -10.27
C THR A 43 -23.00 8.95 -9.09
N ILE A 44 -23.42 10.20 -8.92
CA ILE A 44 -24.35 10.60 -7.88
C ILE A 44 -25.56 11.20 -8.59
N VAL A 45 -26.77 10.87 -8.12
CA VAL A 45 -28.01 11.41 -8.71
C VAL A 45 -28.91 11.87 -7.57
N HIS A 46 -29.42 13.10 -7.68
CA HIS A 46 -30.33 13.63 -6.67
C HIS A 46 -31.27 14.62 -7.33
N LYS A 47 -32.56 14.44 -7.11
CA LYS A 47 -33.58 15.34 -7.65
C LYS A 47 -33.44 15.51 -9.16
N GLY A 48 -33.13 14.42 -9.84
CA GLY A 48 -33.02 14.38 -11.28
C GLY A 48 -31.78 15.00 -11.88
N VAL A 49 -30.76 15.33 -11.07
CA VAL A 49 -29.51 15.90 -11.57
C VAL A 49 -28.39 14.92 -11.29
N LYS A 50 -27.63 14.57 -12.33
CA LYS A 50 -26.53 13.62 -12.20
C LYS A 50 -25.18 14.34 -12.21
N HIS A 51 -24.26 13.88 -11.36
CA HIS A 51 -22.87 14.29 -11.42
C HIS A 51 -22.03 13.02 -11.53
N SER A 52 -21.09 13.01 -12.48
CA SER A 52 -20.15 11.91 -12.62
C SER A 52 -18.78 12.46 -12.22
N LEU A 53 -18.30 12.06 -11.06
CA LEU A 53 -17.05 12.55 -10.52
C LEU A 53 -15.93 11.55 -10.83
N HIS A 54 -14.74 12.08 -11.08
CA HIS A 54 -13.62 11.24 -11.47
C HIS A 54 -12.50 11.28 -10.44
N LEU A 55 -12.01 12.46 -10.09
CA LEU A 55 -11.11 12.59 -8.96
C LEU A 55 -11.71 13.40 -7.83
N MET A 56 -12.65 14.29 -8.12
CA MET A 56 -13.27 15.11 -7.09
C MET A 56 -13.96 14.17 -6.11
N PRO A 57 -13.72 14.28 -4.79
CA PRO A 57 -14.37 13.37 -3.84
C PRO A 57 -15.86 13.62 -3.76
N SER A 58 -16.58 12.57 -3.31
CA SER A 58 -18.03 12.55 -3.38
C SER A 58 -18.70 13.20 -2.17
N GLY A 59 -18.00 14.07 -1.44
CA GLY A 59 -18.62 14.95 -0.50
C GLY A 59 -18.90 16.34 -1.07
N VAL A 60 -18.63 16.54 -2.36
CA VAL A 60 -18.62 17.89 -2.95
C VAL A 60 -19.99 18.56 -2.92
N LEU A 61 -21.07 17.79 -2.83
CA LEU A 61 -22.41 18.40 -2.80
C LEU A 61 -22.81 18.90 -1.42
N TYR A 62 -21.96 18.75 -0.41
CA TYR A 62 -22.21 19.31 0.92
C TYR A 62 -21.11 20.33 1.22
N PRO A 63 -21.36 21.62 1.01
CA PRO A 63 -20.26 22.60 1.15
C PRO A 63 -19.60 22.63 2.54
N LYS A 64 -20.22 22.06 3.57
CA LYS A 64 -19.59 21.98 4.88
C LYS A 64 -18.52 20.91 4.97
N CYS A 65 -18.53 19.91 4.10
CA CYS A 65 -17.47 18.90 4.12
C CYS A 65 -16.18 19.45 3.52
N LYS A 66 -15.06 18.99 4.05
CA LYS A 66 -13.75 19.27 3.46
C LYS A 66 -13.36 18.04 2.64
N ASN A 67 -13.21 18.23 1.33
CA ASN A 67 -12.85 17.15 0.43
C ASN A 67 -11.33 17.10 0.24
N ILE A 68 -10.75 15.91 0.41
CA ILE A 68 -9.31 15.69 0.33
C ILE A 68 -8.98 14.72 -0.79
N ILE A 69 -8.00 15.07 -1.61
CA ILE A 69 -7.41 14.15 -2.58
C ILE A 69 -6.03 13.78 -2.02
N SER A 70 -5.88 12.52 -1.62
CA SER A 70 -4.77 12.14 -0.74
C SER A 70 -3.51 11.74 -1.52
N SER A 71 -2.48 11.27 -0.79
CA SER A 71 -1.13 11.19 -1.35
C SER A 71 -0.94 10.02 -2.32
N ALA A 72 -1.70 8.92 -2.19
CA ALA A 72 -1.50 7.77 -3.07
C ALA A 72 -2.29 7.88 -4.37
N VAL A 73 -3.01 8.98 -4.58
CA VAL A 73 -3.71 9.24 -5.83
C VAL A 73 -2.70 9.63 -6.90
N VAL A 74 -3.09 9.45 -8.16
CA VAL A 74 -2.34 9.97 -9.31
C VAL A 74 -3.25 10.98 -10.03
N VAL A 75 -2.72 12.17 -10.31
CA VAL A 75 -3.52 13.35 -10.70
C VAL A 75 -3.22 13.75 -12.13
N SER A 76 -4.27 13.78 -12.98
CA SER A 76 -4.23 14.57 -14.21
C SER A 76 -4.74 15.98 -13.89
N VAL A 77 -3.85 16.97 -13.99
CA VAL A 77 -4.14 18.30 -13.47
C VAL A 77 -5.23 18.98 -14.32
N LYS A 78 -5.12 18.88 -15.64
CA LYS A 78 -6.12 19.49 -16.51
C LYS A 78 -7.52 18.93 -16.22
N ASP A 79 -7.63 17.61 -16.12
CA ASP A 79 -8.92 16.99 -15.85
C ASP A 79 -9.45 17.41 -14.48
N LEU A 80 -8.57 17.50 -13.46
CA LEU A 80 -9.03 17.98 -12.16
C LEU A 80 -9.51 19.43 -12.24
N CYS A 81 -8.79 20.28 -12.97
CA CYS A 81 -9.21 21.68 -13.10
C CYS A 81 -10.59 21.77 -13.75
N GLU A 82 -10.84 20.92 -14.75
CA GLU A 82 -12.14 20.89 -15.42
C GLU A 82 -13.24 20.47 -14.46
N GLU A 83 -12.94 19.62 -13.47
CA GLU A 83 -13.93 19.27 -12.46
C GLU A 83 -14.19 20.42 -11.50
N ILE A 84 -13.13 21.15 -11.14
CA ILE A 84 -13.24 22.23 -10.17
C ILE A 84 -14.15 23.33 -10.69
N SER A 85 -14.08 23.59 -11.99
CA SER A 85 -14.90 24.62 -12.61
C SER A 85 -16.40 24.31 -12.57
N ALA A 86 -16.80 23.10 -12.21
CA ALA A 86 -18.22 22.75 -12.19
C ALA A 86 -18.90 23.08 -10.86
N PHE A 87 -18.16 23.60 -9.88
CA PHE A 87 -18.68 23.85 -8.54
C PHE A 87 -18.26 25.25 -8.09
N GLU A 88 -19.05 25.83 -7.20
CA GLU A 88 -18.82 27.18 -6.70
C GLU A 88 -18.06 27.15 -5.37
N ASP A 89 -17.10 28.06 -5.21
CA ASP A 89 -16.46 28.33 -3.93
C ASP A 89 -15.81 27.08 -3.31
N LEU A 90 -15.00 26.41 -4.10
CA LEU A 90 -14.26 25.23 -3.63
C LEU A 90 -13.02 25.57 -2.81
N GLU A 91 -12.68 26.86 -2.71
CA GLU A 91 -11.34 27.26 -2.28
C GLU A 91 -10.98 26.77 -0.89
N ASN A 92 -11.92 26.72 0.05
CA ASN A 92 -11.61 26.21 1.38
C ASN A 92 -12.34 24.91 1.72
N ARG A 93 -12.66 24.11 0.70
CA ARG A 93 -13.33 22.84 0.92
C ARG A 93 -12.82 21.75 0.00
N LEU A 94 -11.74 22.00 -0.75
CA LEU A 94 -11.06 20.99 -1.55
C LEU A 94 -9.57 21.20 -1.37
N PHE A 95 -8.85 20.12 -1.01
CA PHE A 95 -7.41 20.18 -0.82
C PHE A 95 -6.76 18.98 -1.49
N VAL A 96 -5.65 19.22 -2.20
CA VAL A 96 -4.92 18.22 -2.94
C VAL A 96 -3.56 18.02 -2.26
N SER A 97 -3.20 16.76 -2.02
CA SER A 97 -1.95 16.48 -1.31
C SER A 97 -0.74 16.93 -2.13
N ASP A 98 0.19 17.65 -1.48
CA ASP A 98 1.46 18.00 -2.11
C ASP A 98 2.33 16.77 -2.39
N ARG A 99 1.93 15.59 -1.90
CA ARG A 99 2.66 14.36 -2.20
C ARG A 99 2.02 13.51 -3.29
N ALA A 100 0.84 13.89 -3.80
CA ALA A 100 0.24 13.08 -4.86
C ALA A 100 1.06 13.19 -6.16
N HIS A 101 1.11 12.09 -6.90
CA HIS A 101 1.89 12.08 -8.13
C HIS A 101 1.07 12.60 -9.30
N VAL A 102 1.79 13.08 -10.32
CA VAL A 102 1.21 13.81 -11.46
C VAL A 102 1.26 12.93 -12.70
N ILE A 103 0.14 12.83 -13.41
CA ILE A 103 0.05 12.07 -14.66
C ILE A 103 0.47 13.00 -15.80
N LEU A 104 1.42 12.56 -16.60
CA LEU A 104 1.92 13.32 -17.75
C LEU A 104 1.37 12.72 -19.03
N PRO A 105 1.23 13.51 -20.10
CA PRO A 105 0.71 12.94 -21.36
C PRO A 105 1.47 11.71 -21.84
N TYR A 106 2.78 11.62 -21.59
CA TYR A 106 3.54 10.42 -21.92
C TYR A 106 2.92 9.18 -21.29
N HIS A 107 2.33 9.31 -20.11
CA HIS A 107 1.85 8.14 -19.38
C HIS A 107 0.72 7.44 -20.14
N ALA A 108 -0.23 8.20 -20.66
CA ALA A 108 -1.33 7.60 -21.40
C ALA A 108 -0.85 7.03 -22.73
N LYS A 109 0.11 7.70 -23.38
CA LYS A 109 0.68 7.15 -24.61
C LYS A 109 1.35 5.80 -24.35
N LYS A 110 2.13 5.71 -23.27
CA LYS A 110 2.76 4.44 -22.90
C LYS A 110 1.71 3.37 -22.59
N ASP A 111 0.67 3.74 -21.84
CA ASP A 111 -0.41 2.82 -21.51
C ASP A 111 -0.99 2.19 -22.77
N ALA A 112 -1.35 3.03 -23.74
CA ALA A 112 -1.94 2.53 -24.98
C ALA A 112 -0.96 1.64 -25.73
N PHE A 113 0.33 2.00 -25.71
CA PHE A 113 1.35 1.22 -26.42
C PHE A 113 1.49 -0.17 -25.82
N LYS A 114 1.66 -0.25 -24.50
CA LYS A 114 1.80 -1.53 -23.82
C LYS A 114 0.54 -2.38 -23.97
N GLU A 115 -0.63 -1.74 -24.00
CA GLU A 115 -1.86 -2.49 -24.13
C GLU A 115 -1.92 -3.29 -25.43
N LYS A 116 -1.18 -2.86 -26.46
CA LYS A 116 -1.17 -3.59 -27.72
C LYS A 116 -0.68 -5.03 -27.54
N SER A 117 0.23 -5.26 -26.59
CA SER A 117 0.75 -6.59 -26.32
C SER A 117 0.16 -7.23 -25.07
N GLN A 118 -0.13 -6.46 -24.01
CA GLN A 118 -0.62 -7.08 -22.78
C GLN A 118 -2.12 -7.32 -22.78
N ASN A 119 -2.88 -6.46 -23.46
CA ASN A 119 -4.34 -6.58 -23.60
C ASN A 119 -5.03 -6.85 -22.24
N ILE A 120 -4.74 -5.96 -21.28
CA ILE A 120 -5.36 -6.06 -19.96
C ILE A 120 -6.79 -5.52 -19.99
N GLY A 121 -7.02 -4.45 -20.74
CA GLY A 121 -8.29 -3.75 -20.71
C GLY A 121 -8.26 -2.55 -19.78
N THR A 122 -7.12 -1.84 -19.74
CA THR A 122 -7.00 -0.65 -18.92
C THR A 122 -7.83 0.49 -19.50
N THR A 123 -7.97 1.56 -18.72
CA THR A 123 -8.73 2.71 -19.20
C THR A 123 -7.91 3.59 -20.13
N LYS A 124 -6.64 3.25 -20.35
CA LYS A 124 -5.74 3.98 -21.25
C LYS A 124 -5.54 5.42 -20.81
N LYS A 125 -5.71 5.69 -19.51
CA LYS A 125 -5.55 7.03 -18.97
C LYS A 125 -4.16 7.26 -18.38
N GLY A 126 -3.27 6.27 -18.46
CA GLY A 126 -1.93 6.44 -17.96
C GLY A 126 -1.76 6.20 -16.47
N ILE A 127 -2.75 5.57 -15.83
CA ILE A 127 -2.69 5.31 -14.39
C ILE A 127 -1.47 4.47 -14.04
N GLY A 128 -1.34 3.31 -14.67
CA GLY A 128 -0.24 2.41 -14.37
C GLY A 128 1.13 3.01 -14.56
N PRO A 129 1.40 3.56 -15.74
CA PRO A 129 2.70 4.24 -15.97
C PRO A 129 2.99 5.37 -14.99
N CYS A 130 1.96 6.06 -14.47
CA CYS A 130 2.23 7.05 -13.43
C CYS A 130 2.73 6.37 -12.15
N TYR A 131 2.07 5.28 -11.75
CA TYR A 131 2.55 4.50 -10.59
C TYR A 131 3.92 3.88 -10.83
N GLU A 132 4.24 3.50 -12.08
CA GLU A 132 5.60 3.03 -12.36
C GLU A 132 6.65 4.10 -12.08
N ASP A 133 6.40 5.33 -12.51
CA ASP A 133 7.33 6.41 -12.25
C ASP A 133 7.41 6.73 -10.77
N LYS A 134 6.34 6.49 -10.02
CA LYS A 134 6.41 6.60 -8.57
C LYS A 134 7.39 5.57 -8.01
N MET A 135 7.33 4.32 -8.47
CA MET A 135 8.22 3.32 -7.89
C MET A 135 9.66 3.59 -8.32
N ALA A 136 9.84 4.08 -9.56
CA ALA A 136 11.16 4.51 -10.03
C ALA A 136 11.71 5.67 -9.24
N ARG A 137 10.85 6.40 -8.53
CA ARG A 137 11.18 7.63 -7.80
C ARG A 137 11.63 8.76 -8.72
N SER A 138 11.25 8.67 -10.00
CA SER A 138 11.42 9.76 -10.98
C SER A 138 10.19 10.61 -11.15
N GLY A 139 9.06 10.21 -10.55
CA GLY A 139 7.81 10.89 -10.82
C GLY A 139 7.76 12.29 -10.24
N ILE A 140 6.91 13.13 -10.84
CA ILE A 140 6.67 14.49 -10.40
C ILE A 140 5.51 14.46 -9.40
N ARG A 141 5.60 15.25 -8.34
CA ARG A 141 4.53 15.32 -7.35
C ARG A 141 3.92 16.72 -7.34
N MET A 142 2.74 16.82 -6.73
CA MET A 142 1.95 18.02 -6.90
C MET A 142 2.64 19.20 -6.23
N GLY A 143 3.36 18.94 -5.12
CA GLY A 143 4.15 19.98 -4.48
C GLY A 143 5.22 20.58 -5.36
N ASP A 144 5.69 19.85 -6.38
CA ASP A 144 6.68 20.40 -7.30
C ASP A 144 6.13 21.57 -8.10
N LEU A 145 4.79 21.65 -8.26
CA LEU A 145 4.20 22.76 -9.01
C LEU A 145 4.27 24.07 -8.26
N LEU A 146 4.62 24.03 -6.97
CA LEU A 146 4.63 25.23 -6.15
C LEU A 146 5.87 26.08 -6.35
N ASP A 147 6.87 25.59 -7.09
CA ASP A 147 8.10 26.33 -7.29
C ASP A 147 8.57 26.07 -8.73
N ASP A 148 8.48 27.12 -9.57
CA ASP A 148 8.80 26.97 -10.99
C ASP A 148 10.21 26.43 -11.19
N LYS A 149 11.13 26.74 -10.28
CA LYS A 149 12.50 26.24 -10.40
C LYS A 149 12.53 24.72 -10.39
N ILE A 150 12.05 24.08 -9.31
CA ILE A 150 12.08 22.62 -9.26
C ILE A 150 11.27 21.98 -10.38
N LEU A 151 10.10 22.53 -10.71
CA LEU A 151 9.33 21.95 -11.79
C LEU A 151 10.13 21.92 -13.09
N GLU A 152 10.82 23.02 -13.40
CA GLU A 152 11.68 23.04 -14.59
C GLU A 152 12.74 21.96 -14.53
N GLU A 153 13.44 21.85 -13.40
CA GLU A 153 14.46 20.81 -13.23
C GLU A 153 13.88 19.43 -13.49
N LYS A 154 12.69 19.18 -12.94
CA LYS A 154 12.11 17.84 -13.04
C LYS A 154 11.59 17.56 -14.44
N LEU A 155 10.97 18.56 -15.08
CA LEU A 155 10.56 18.39 -16.47
C LEU A 155 11.76 18.10 -17.36
N ASN A 156 12.84 18.86 -17.19
CA ASN A 156 14.03 18.65 -18.01
C ASN A 156 14.58 17.24 -17.85
N ALA A 157 14.64 16.73 -16.62
CA ALA A 157 15.05 15.35 -16.40
C ALA A 157 14.08 14.37 -17.08
N HIS A 158 12.79 14.66 -17.01
CA HIS A 158 11.80 13.85 -17.72
C HIS A 158 12.08 13.89 -19.23
N PHE A 159 12.31 15.09 -19.77
CA PHE A 159 12.56 15.23 -21.20
C PHE A 159 13.73 14.36 -21.66
N LYS A 160 14.83 14.37 -20.90
CA LYS A 160 15.98 13.56 -21.29
C LYS A 160 15.69 12.07 -21.21
N ALA A 161 14.87 11.63 -20.24
CA ALA A 161 14.64 10.20 -20.05
C ALA A 161 13.65 9.60 -21.05
N ILE A 162 12.70 10.38 -21.57
CA ILE A 162 11.72 9.82 -22.51
C ILE A 162 12.20 9.82 -23.95
N GLU A 163 13.35 10.42 -24.25
CA GLU A 163 13.78 10.54 -25.64
C GLU A 163 13.96 9.21 -26.36
N PRO A 164 14.51 8.15 -25.77
CA PRO A 164 14.53 6.85 -26.45
C PRO A 164 13.15 6.24 -26.69
N PHE A 165 12.06 6.91 -26.33
CA PHE A 165 10.73 6.37 -26.50
C PHE A 165 9.83 7.24 -27.37
N LYS A 166 10.35 8.35 -27.91
CA LYS A 166 9.52 9.26 -28.68
C LYS A 166 8.95 8.58 -29.92
N LYS A 167 9.73 7.73 -30.57
CA LYS A 167 9.21 6.99 -31.72
C LYS A 167 8.23 5.91 -31.29
N ALA A 168 8.64 5.09 -30.31
CA ALA A 168 7.84 3.94 -29.89
C ALA A 168 6.46 4.36 -29.42
N TYR A 169 6.37 5.45 -28.66
CA TYR A 169 5.12 5.87 -28.04
C TYR A 169 4.39 6.94 -28.85
N ASP A 170 4.90 7.31 -30.02
CA ASP A 170 4.29 8.34 -30.87
C ASP A 170 4.08 9.64 -30.08
N LEU A 171 5.19 10.15 -29.54
CA LEU A 171 5.08 11.30 -28.64
C LEU A 171 4.82 12.59 -29.39
N GLY A 172 5.41 12.74 -30.57
CA GLY A 172 5.27 13.96 -31.34
C GLY A 172 6.52 14.84 -31.24
N GLU A 173 6.57 15.81 -32.15
CA GLU A 173 7.73 16.70 -32.24
C GLU A 173 7.61 17.90 -31.31
N ASN A 174 6.41 18.20 -30.82
CA ASN A 174 6.18 19.31 -29.92
C ASN A 174 5.96 18.88 -28.47
N TYR A 175 6.48 17.70 -28.09
CA TYR A 175 6.23 17.19 -26.75
C TYR A 175 6.75 18.16 -25.69
N GLU A 176 8.04 18.51 -25.76
CA GLU A 176 8.63 19.39 -24.76
CA GLU A 176 8.63 19.39 -24.76
C GLU A 176 7.93 20.73 -24.72
N LYS A 177 7.69 21.33 -25.89
CA LYS A 177 7.02 22.62 -25.96
C LYS A 177 5.61 22.54 -25.38
N ASP A 178 4.84 21.53 -25.81
CA ASP A 178 3.46 21.43 -25.39
C ASP A 178 3.35 21.14 -23.89
N LEU A 179 4.25 20.30 -23.37
CA LEU A 179 4.19 19.98 -21.93
C LEU A 179 4.52 21.21 -21.09
N MET A 180 5.53 21.98 -21.50
CA MET A 180 5.89 23.19 -20.78
C MET A 180 4.73 24.19 -20.79
N GLY A 181 4.00 24.29 -21.90
CA GLY A 181 2.84 25.17 -21.95
C GLY A 181 1.66 24.65 -21.17
N TYR A 182 1.51 23.32 -21.11
CA TYR A 182 0.48 22.70 -20.27
C TYR A 182 0.60 23.18 -18.84
N PHE A 183 1.80 23.12 -18.26
CA PHE A 183 1.95 23.53 -16.86
C PHE A 183 1.88 25.04 -16.71
N LYS A 184 2.29 25.79 -17.74
CA LYS A 184 2.09 27.23 -17.71
C LYS A 184 0.60 27.57 -17.58
N THR A 185 -0.26 26.80 -18.25
CA THR A 185 -1.70 27.02 -18.19
C THR A 185 -2.30 26.51 -16.87
N TYR A 186 -1.98 25.29 -16.46
CA TYR A 186 -2.75 24.63 -15.40
C TYR A 186 -2.16 24.79 -14.01
N ALA A 187 -0.84 24.97 -13.89
CA ALA A 187 -0.25 25.16 -12.56
C ALA A 187 -0.85 26.35 -11.80
N PRO A 188 -1.02 27.55 -12.40
CA PRO A 188 -1.66 28.65 -11.66
C PRO A 188 -3.08 28.34 -11.20
N LYS A 189 -3.81 27.51 -11.93
CA LYS A 189 -5.19 27.21 -11.56
C LYS A 189 -5.25 26.27 -10.35
N ILE A 190 -4.34 25.29 -10.29
CA ILE A 190 -4.44 24.27 -9.24
C ILE A 190 -3.62 24.62 -8.00
N CYS A 191 -2.61 25.48 -8.12
CA CYS A 191 -1.69 25.71 -7.01
C CYS A 191 -2.36 26.12 -5.70
N PRO A 192 -3.41 26.96 -5.68
CA PRO A 192 -4.01 27.33 -4.39
C PRO A 192 -4.62 26.17 -3.64
N PHE A 193 -4.92 25.06 -4.31
CA PHE A 193 -5.50 23.89 -3.67
C PHE A 193 -4.47 22.92 -3.11
N ILE A 194 -3.19 23.11 -3.39
CA ILE A 194 -2.16 22.15 -2.97
C ILE A 194 -1.78 22.39 -1.51
N LYS A 195 -1.90 21.34 -0.68
CA LYS A 195 -1.65 21.44 0.76
C LYS A 195 -1.00 20.17 1.29
N ASP A 196 -0.35 20.31 2.45
CA ASP A 196 0.02 19.15 3.27
C ASP A 196 -1.20 18.48 3.88
N THR A 197 -1.85 17.58 3.14
CA THR A 197 -3.05 16.92 3.63
C THR A 197 -2.74 15.80 4.62
N THR A 198 -1.51 15.30 4.63
CA THR A 198 -1.12 14.36 5.67
C THR A 198 -1.23 15.00 7.05
N SER A 199 -0.64 16.19 7.22
CA SER A 199 -0.76 16.89 8.50
C SER A 199 -2.22 17.24 8.80
N MET A 200 -2.99 17.63 7.78
CA MET A 200 -4.40 17.96 8.07
C MET A 200 -5.14 16.77 8.65
N LEU A 201 -4.92 15.58 8.11
CA LEU A 201 -5.65 14.42 8.60
C LEU A 201 -5.07 13.88 9.91
N ILE A 202 -3.75 13.95 10.09
CA ILE A 202 -3.20 13.59 11.39
C ILE A 202 -3.86 14.42 12.49
N GLU A 203 -3.96 15.73 12.24
CA GLU A 203 -4.58 16.63 13.23
C GLU A 203 -6.08 16.38 13.38
N ALA A 204 -6.78 16.13 12.27
CA ALA A 204 -8.22 15.87 12.37
C ALA A 204 -8.49 14.63 13.21
N ASN A 205 -7.69 13.58 13.02
CA ASN A 205 -7.89 12.36 13.80
C ASN A 205 -7.58 12.60 15.27
N GLN A 206 -6.46 13.27 15.58
CA GLN A 206 -6.14 13.59 16.97
C GLN A 206 -7.24 14.40 17.63
N LYS A 207 -7.94 15.24 16.86
CA LYS A 207 -9.00 16.07 17.39
C LYS A 207 -10.36 15.37 17.39
N GLY A 208 -10.42 14.09 17.02
CA GLY A 208 -11.67 13.36 17.06
C GLY A 208 -12.70 13.78 16.03
N GLU A 209 -12.27 14.35 14.91
CA GLU A 209 -13.19 14.75 13.86
C GLU A 209 -13.53 13.56 12.97
N LYS A 210 -14.69 13.62 12.32
CA LYS A 210 -15.25 12.48 11.59
C LYS A 210 -14.74 12.47 10.16
N ILE A 211 -14.16 11.33 9.74
CA ILE A 211 -13.47 11.22 8.45
C ILE A 211 -14.10 10.07 7.68
N LEU A 212 -14.46 10.30 6.40
CA LEU A 212 -14.99 9.27 5.52
C LEU A 212 -14.01 9.07 4.37
N LEU A 213 -13.56 7.84 4.17
CA LEU A 213 -12.55 7.51 3.14
C LEU A 213 -13.23 6.79 1.98
N GLU A 214 -13.12 7.38 0.78
CA GLU A 214 -13.86 6.92 -0.39
C GLU A 214 -12.93 6.11 -1.27
N GLY A 215 -13.15 4.78 -1.33
CA GLY A 215 -12.38 3.94 -2.22
C GLY A 215 -12.76 4.10 -3.68
N ALA A 216 -11.81 3.71 -4.54
CA ALA A 216 -12.00 3.66 -5.98
C ALA A 216 -11.65 2.26 -6.46
N GLN A 217 -12.09 1.94 -7.67
CA GLN A 217 -12.07 0.59 -8.20
C GLN A 217 -12.71 -0.40 -7.21
N GLY A 218 -12.19 -1.61 -7.10
CA GLY A 218 -12.79 -2.64 -6.27
C GLY A 218 -11.72 -3.57 -5.72
N THR A 219 -12.11 -4.36 -4.72
CA THR A 219 -11.16 -5.24 -4.04
C THR A 219 -10.53 -6.24 -5.00
N LEU A 220 -11.32 -6.78 -5.94
CA LEU A 220 -10.79 -7.78 -6.86
C LEU A 220 -9.91 -7.17 -7.95
N LEU A 221 -9.75 -5.86 -7.96
CA LEU A 221 -8.81 -5.15 -8.82
C LEU A 221 -7.53 -4.76 -8.07
N ASP A 222 -7.35 -5.23 -6.83
CA ASP A 222 -6.18 -4.84 -6.04
C ASP A 222 -4.90 -5.36 -6.69
N ILE A 223 -3.87 -4.49 -6.76
CA ILE A 223 -2.62 -4.86 -7.43
C ILE A 223 -1.98 -6.11 -6.82
N ASP A 224 -2.10 -6.29 -5.50
CA ASP A 224 -1.46 -7.44 -4.83
C ASP A 224 -2.39 -8.65 -4.77
N LEU A 225 -3.63 -8.44 -4.40
CA LEU A 225 -4.53 -9.53 -4.03
C LEU A 225 -5.67 -9.76 -5.01
N GLY A 226 -5.78 -8.96 -6.07
CA GLY A 226 -6.84 -9.09 -7.06
C GLY A 226 -6.51 -10.13 -8.11
N THR A 227 -7.29 -10.11 -9.20
CA THR A 227 -7.13 -11.08 -10.29
C THR A 227 -5.97 -10.70 -11.22
N TYR A 228 -4.75 -10.69 -10.65
CA TYR A 228 -3.57 -10.23 -11.38
C TYR A 228 -3.33 -11.10 -12.61
N PRO A 229 -2.91 -10.52 -13.75
CA PRO A 229 -2.58 -9.11 -13.98
C PRO A 229 -3.77 -8.24 -14.36
N PHE A 230 -4.97 -8.80 -14.28
CA PHE A 230 -6.19 -8.06 -14.66
C PHE A 230 -6.70 -7.29 -13.44
N VAL A 231 -5.94 -6.23 -13.11
CA VAL A 231 -6.10 -5.44 -11.90
C VAL A 231 -5.66 -4.01 -12.22
N THR A 232 -5.97 -3.08 -11.31
CA THR A 232 -5.39 -1.75 -11.39
C THR A 232 -4.09 -1.70 -10.59
N SER A 233 -3.32 -0.62 -10.75
CA SER A 233 -1.96 -0.57 -10.22
C SER A 233 -1.86 -0.04 -8.79
N SER A 234 -2.98 0.24 -8.13
CA SER A 234 -2.97 0.65 -6.74
C SER A 234 -3.55 -0.44 -5.86
N ASN A 235 -3.34 -0.29 -4.56
CA ASN A 235 -4.02 -1.14 -3.60
C ASN A 235 -5.42 -0.58 -3.35
N THR A 236 -6.42 -1.45 -3.34
CA THR A 236 -7.79 -1.00 -3.23
C THR A 236 -8.44 -1.41 -1.92
N THR A 237 -7.76 -2.19 -1.07
CA THR A 237 -8.35 -2.66 0.18
C THR A 237 -8.46 -1.50 1.20
N SER A 238 -9.27 -1.73 2.23
CA SER A 238 -9.50 -0.70 3.23
C SER A 238 -8.19 -0.23 3.89
N ALA A 239 -7.22 -1.12 4.08
CA ALA A 239 -5.97 -0.69 4.70
C ALA A 239 -5.21 0.31 3.83
N SER A 240 -5.47 0.32 2.52
CA SER A 240 -4.87 1.33 1.66
C SER A 240 -5.27 2.73 2.07
N ALA A 241 -6.45 2.87 2.70
CA ALA A 241 -6.91 4.17 3.18
C ALA A 241 -6.00 4.71 4.28
N CYS A 242 -5.34 3.84 5.04
CA CYS A 242 -4.42 4.34 6.06
C CYS A 242 -3.04 4.61 5.49
N VAL A 243 -2.60 3.75 4.57
CA VAL A 243 -1.22 3.73 4.09
C VAL A 243 -0.73 5.11 3.71
N SER A 244 -1.59 5.91 3.10
CA SER A 244 -1.11 7.10 2.43
C SER A 244 -1.87 8.36 2.81
N THR A 245 -2.80 8.29 3.77
CA THR A 245 -3.46 9.48 4.28
C THR A 245 -2.78 10.09 5.48
N GLY A 246 -1.99 9.31 6.22
CA GLY A 246 -1.52 9.70 7.52
C GLY A 246 -2.19 8.95 8.66
N LEU A 247 -3.38 8.42 8.43
CA LEU A 247 -4.13 7.73 9.48
C LEU A 247 -3.54 6.35 9.71
N ASN A 248 -3.67 5.87 10.90
CA ASN A 248 -3.10 4.57 11.18
C ASN A 248 -4.19 3.51 11.21
N PRO A 249 -3.83 2.21 11.19
CA PRO A 249 -4.88 1.17 11.14
C PRO A 249 -5.81 1.21 12.34
N LYS A 250 -5.34 1.68 13.50
CA LYS A 250 -6.20 1.73 14.67
C LYS A 250 -7.23 2.83 14.61
N ALA A 251 -7.11 3.75 13.64
CA ALA A 251 -8.11 4.79 13.45
C ALA A 251 -9.38 4.28 12.76
N ILE A 252 -9.34 3.11 12.14
CA ILE A 252 -10.45 2.66 11.30
C ILE A 252 -11.59 2.15 12.17
N ASN A 253 -12.80 2.70 11.93
CA ASN A 253 -13.98 2.34 12.71
C ASN A 253 -14.88 1.45 11.85
N GLU A 254 -15.80 2.01 11.06
CA GLU A 254 -16.67 1.19 10.23
C GLU A 254 -16.01 0.98 8.87
N VAL A 255 -16.18 -0.22 8.32
CA VAL A 255 -15.72 -0.54 6.97
C VAL A 255 -16.94 -0.99 6.19
N ILE A 256 -17.43 -0.14 5.29
CA ILE A 256 -18.66 -0.38 4.54
C ILE A 256 -18.30 -0.96 3.18
N GLY A 257 -18.64 -2.23 2.96
CA GLY A 257 -18.37 -2.87 1.67
C GLY A 257 -19.57 -2.68 0.76
N ILE A 258 -19.32 -2.21 -0.46
CA ILE A 258 -20.37 -1.93 -1.44
C ILE A 258 -20.37 -3.08 -2.44
N THR A 259 -21.51 -3.75 -2.57
CA THR A 259 -21.64 -4.83 -3.55
C THR A 259 -22.95 -4.67 -4.29
N LYS A 260 -22.93 -4.96 -5.59
CA LYS A 260 -24.17 -5.05 -6.35
C LYS A 260 -24.85 -6.38 -6.04
N ALA A 261 -26.13 -6.49 -6.40
CA ALA A 261 -26.87 -7.73 -6.24
C ALA A 261 -26.53 -8.76 -7.30
N TYR A 262 -25.73 -8.38 -8.28
CA TYR A 262 -25.18 -9.23 -9.34
C TYR A 262 -23.75 -8.76 -9.55
N SER A 263 -23.06 -9.23 -10.61
CA SER A 263 -21.65 -8.89 -10.80
C SER A 263 -21.39 -8.24 -12.16
N THR A 264 -20.44 -7.32 -12.19
CA THR A 264 -19.89 -6.79 -13.44
C THR A 264 -18.37 -6.70 -13.35
N ARG A 265 -17.72 -6.76 -14.51
CA ARG A 265 -16.35 -6.27 -14.63
C ARG A 265 -16.18 -5.71 -16.03
N VAL A 266 -15.29 -4.72 -16.17
CA VAL A 266 -15.00 -4.16 -17.47
C VAL A 266 -13.51 -4.37 -17.74
N GLY A 267 -13.20 -4.89 -18.92
CA GLY A 267 -11.85 -5.32 -19.20
C GLY A 267 -11.72 -6.82 -19.09
N ASN A 268 -10.55 -7.31 -19.51
CA ASN A 268 -10.35 -8.74 -19.57
C ASN A 268 -10.06 -9.30 -18.19
N GLY A 269 -9.96 -10.62 -18.12
CA GLY A 269 -9.60 -11.29 -16.89
C GLY A 269 -10.65 -12.28 -16.45
N PRO A 270 -10.32 -13.10 -15.44
CA PRO A 270 -11.25 -14.15 -15.00
C PRO A 270 -12.50 -13.58 -14.36
N PHE A 271 -13.58 -14.36 -14.45
CA PHE A 271 -14.92 -13.94 -14.02
C PHE A 271 -15.75 -15.22 -13.88
N PRO A 272 -15.60 -15.95 -12.76
CA PRO A 272 -16.29 -17.26 -12.63
C PRO A 272 -17.79 -17.24 -12.86
N SER A 273 -18.51 -16.24 -12.36
CA SER A 273 -19.96 -16.19 -12.47
C SER A 273 -20.46 -15.39 -13.68
N GLU A 274 -19.60 -15.15 -14.69
CA GLU A 274 -20.04 -14.43 -15.88
C GLU A 274 -21.16 -15.18 -16.58
N ASP A 275 -22.10 -14.43 -17.15
CA ASP A 275 -23.21 -15.00 -17.92
C ASP A 275 -23.21 -14.32 -19.28
N THR A 276 -22.85 -15.08 -20.32
CA THR A 276 -22.78 -14.54 -21.67
C THR A 276 -24.03 -14.81 -22.50
N THR A 277 -25.04 -15.45 -21.91
CA THR A 277 -26.30 -15.71 -22.58
C THR A 277 -27.12 -14.42 -22.64
N PRO A 278 -28.28 -14.44 -23.36
CA PRO A 278 -29.13 -13.24 -23.38
C PRO A 278 -29.55 -12.73 -22.01
N MET A 279 -29.55 -13.58 -20.98
CA MET A 279 -29.86 -13.11 -19.65
C MET A 279 -28.78 -12.15 -19.14
N GLY A 280 -27.52 -12.41 -19.47
CA GLY A 280 -26.47 -11.46 -19.16
C GLY A 280 -26.61 -10.16 -19.92
N ASP A 281 -27.11 -10.23 -21.16
CA ASP A 281 -27.40 -8.99 -21.88
C ASP A 281 -28.55 -8.25 -21.22
N HIS A 282 -29.52 -8.98 -20.65
CA HIS A 282 -30.61 -8.31 -19.94
C HIS A 282 -30.07 -7.53 -18.73
N LEU A 283 -29.15 -8.13 -17.97
CA LEU A 283 -28.55 -7.42 -16.84
C LEU A 283 -27.86 -6.16 -17.30
N ARG A 284 -27.13 -6.22 -18.43
CA ARG A 284 -26.43 -5.04 -18.92
C ARG A 284 -27.43 -3.94 -19.30
N THR A 285 -28.49 -4.32 -20.02
CA THR A 285 -29.44 -3.32 -20.48
C THR A 285 -30.19 -2.70 -19.31
N LYS A 286 -30.83 -3.52 -18.48
CA LYS A 286 -31.60 -3.00 -17.36
C LYS A 286 -30.71 -2.30 -16.33
N GLY A 287 -29.47 -2.77 -16.16
CA GLY A 287 -28.57 -2.10 -15.23
C GLY A 287 -27.79 -0.96 -15.83
N ALA A 288 -28.00 -0.67 -17.12
CA ALA A 288 -27.27 0.39 -17.82
C ALA A 288 -25.75 0.27 -17.62
N GLU A 289 -25.24 -0.94 -17.81
CA GLU A 289 -23.83 -1.23 -17.48
C GLU A 289 -22.92 -0.91 -18.68
N PHE A 290 -22.76 0.39 -18.92
CA PHE A 290 -21.93 0.94 -19.98
C PHE A 290 -21.04 2.02 -19.37
N GLY A 291 -20.10 2.53 -20.16
CA GLY A 291 -19.15 3.49 -19.64
C GLY A 291 -19.82 4.71 -19.03
N THR A 292 -19.06 5.43 -18.21
CA THR A 292 -19.52 6.75 -17.78
C THR A 292 -19.93 7.59 -18.97
N THR A 293 -19.12 7.57 -20.03
CA THR A 293 -19.45 8.21 -21.30
C THR A 293 -20.42 7.37 -22.16
N THR A 294 -20.99 6.31 -21.59
CA THR A 294 -21.94 5.42 -22.27
C THR A 294 -21.32 4.84 -23.55
N LYS A 295 -20.27 4.03 -23.35
CA LYS A 295 -19.55 3.46 -24.48
C LYS A 295 -19.03 2.05 -24.22
N ARG A 296 -18.39 1.83 -23.06
CA ARG A 296 -17.72 0.58 -22.76
C ARG A 296 -18.68 -0.40 -22.09
N PRO A 297 -19.24 -1.38 -22.82
CA PRO A 297 -20.14 -2.34 -22.19
C PRO A 297 -19.39 -3.22 -21.20
N ARG A 298 -20.04 -3.48 -20.07
CA ARG A 298 -19.47 -4.34 -19.05
C ARG A 298 -19.81 -5.80 -19.34
N ARG A 299 -18.91 -6.68 -18.93
CA ARG A 299 -19.27 -8.09 -18.77
C ARG A 299 -20.15 -8.25 -17.54
N CYS A 300 -21.22 -9.03 -17.66
CA CYS A 300 -22.20 -9.14 -16.58
C CYS A 300 -22.36 -10.58 -16.14
N GLY A 301 -22.72 -10.77 -14.88
CA GLY A 301 -22.91 -12.10 -14.34
C GLY A 301 -23.60 -12.05 -12.99
N TRP A 302 -23.60 -13.20 -12.31
CA TRP A 302 -24.35 -13.35 -11.07
C TRP A 302 -23.46 -13.04 -9.86
N LEU A 303 -24.10 -12.76 -8.73
CA LEU A 303 -23.40 -12.53 -7.49
C LEU A 303 -22.57 -13.76 -7.12
N ASP A 304 -21.35 -13.52 -6.65
CA ASP A 304 -20.38 -14.60 -6.37
C ASP A 304 -19.96 -14.48 -4.91
N LEU A 305 -20.52 -15.36 -4.06
CA LEU A 305 -20.25 -15.30 -2.63
C LEU A 305 -18.88 -15.85 -2.24
N VAL A 306 -18.26 -16.68 -3.07
CA VAL A 306 -16.89 -17.09 -2.79
C VAL A 306 -15.97 -15.88 -2.82
N ALA A 307 -16.12 -15.04 -3.86
CA ALA A 307 -15.32 -13.83 -3.98
C ALA A 307 -15.73 -12.78 -2.97
N LEU A 308 -17.03 -12.70 -2.62
CA LEU A 308 -17.45 -11.72 -1.62
C LEU A 308 -16.86 -12.01 -0.24
N LYS A 309 -16.81 -13.29 0.16
CA LYS A 309 -16.23 -13.64 1.46
C LYS A 309 -14.75 -13.31 1.50
N TYR A 310 -14.04 -13.58 0.39
CA TYR A 310 -12.64 -13.19 0.28
C TYR A 310 -12.47 -11.68 0.45
N ALA A 311 -13.22 -10.89 -0.32
CA ALA A 311 -13.08 -9.44 -0.22
C ALA A 311 -13.45 -8.94 1.17
N CYS A 312 -14.49 -9.50 1.77
CA CYS A 312 -14.88 -9.05 3.10
C CYS A 312 -13.78 -9.34 4.12
N ALA A 313 -13.06 -10.46 3.95
CA ALA A 313 -11.95 -10.78 4.85
C ALA A 313 -10.79 -9.79 4.67
N LEU A 314 -10.47 -9.42 3.43
CA LEU A 314 -9.37 -8.51 3.18
C LEU A 314 -9.65 -7.11 3.71
N ASN A 315 -10.92 -6.70 3.77
CA ASN A 315 -11.25 -5.35 4.17
C ASN A 315 -11.67 -5.24 5.62
N GLY A 316 -12.15 -6.33 6.22
CA GLY A 316 -12.73 -6.27 7.55
C GLY A 316 -14.08 -5.59 7.57
N CYS A 317 -14.89 -5.76 6.51
CA CYS A 317 -16.20 -5.11 6.48
C CYS A 317 -17.00 -5.36 7.75
N THR A 318 -17.50 -4.26 8.32
CA THR A 318 -18.43 -4.26 9.45
C THR A 318 -19.88 -4.11 9.01
N GLN A 319 -20.13 -3.66 7.79
CA GLN A 319 -21.46 -3.53 7.21
C GLN A 319 -21.34 -3.71 5.70
N LEU A 320 -22.47 -4.08 5.08
CA LEU A 320 -22.57 -4.11 3.62
C LEU A 320 -23.64 -3.14 3.15
N ALA A 321 -23.40 -2.57 1.99
CA ALA A 321 -24.42 -1.85 1.24
C ALA A 321 -24.73 -2.68 0.00
N LEU A 322 -25.98 -3.10 -0.15
CA LEU A 322 -26.40 -3.95 -1.26
C LEU A 322 -27.12 -3.08 -2.29
N MET A 323 -26.61 -3.04 -3.51
CA MET A 323 -26.96 -2.05 -4.52
C MET A 323 -27.64 -2.71 -5.71
N LYS A 324 -28.60 -1.99 -6.35
CA LYS A 324 -29.18 -2.37 -7.64
C LYS A 324 -30.07 -3.61 -7.58
N LEU A 325 -30.73 -3.87 -6.45
CA LEU A 325 -31.75 -4.91 -6.40
C LEU A 325 -32.83 -4.64 -7.44
N ASP A 326 -33.09 -3.37 -7.73
CA ASP A 326 -34.15 -3.00 -8.67
C ASP A 326 -33.87 -3.48 -10.09
N VAL A 327 -32.60 -3.69 -10.44
CA VAL A 327 -32.24 -4.18 -11.77
C VAL A 327 -32.73 -5.61 -11.96
N LEU A 328 -32.84 -6.36 -10.87
CA LEU A 328 -33.33 -7.73 -10.91
C LEU A 328 -34.86 -7.83 -10.94
N ASP A 329 -35.59 -6.70 -10.84
CA ASP A 329 -37.06 -6.72 -10.91
C ASP A 329 -37.50 -7.43 -12.18
N GLY A 330 -38.39 -8.42 -12.03
CA GLY A 330 -38.98 -9.09 -13.16
C GLY A 330 -38.24 -10.30 -13.69
N ILE A 331 -37.04 -10.59 -13.16
CA ILE A 331 -36.36 -11.82 -13.55
C ILE A 331 -36.94 -12.97 -12.73
N ASP A 332 -37.24 -14.07 -13.41
CA ASP A 332 -38.00 -15.13 -12.76
C ASP A 332 -37.16 -15.87 -11.73
N ALA A 333 -35.89 -16.13 -12.03
CA ALA A 333 -35.02 -16.88 -11.13
C ALA A 333 -33.69 -16.18 -11.02
N ILE A 334 -33.19 -16.02 -9.79
CA ILE A 334 -31.92 -15.35 -9.54
C ILE A 334 -30.93 -16.39 -9.04
N LYS A 335 -29.78 -16.47 -9.71
CA LYS A 335 -28.74 -17.42 -9.32
C LYS A 335 -27.69 -16.72 -8.47
N VAL A 336 -27.15 -17.44 -7.48
CA VAL A 336 -26.03 -16.99 -6.66
C VAL A 336 -24.97 -18.08 -6.68
N CYS A 337 -23.74 -17.70 -6.99
CA CYS A 337 -22.63 -18.64 -6.95
C CYS A 337 -22.18 -18.83 -5.49
N VAL A 338 -22.29 -20.06 -4.99
CA VAL A 338 -22.02 -20.37 -3.59
C VAL A 338 -20.72 -21.12 -3.37
N ALA A 339 -20.10 -21.64 -4.44
CA ALA A 339 -18.88 -22.44 -4.34
C ALA A 339 -18.39 -22.60 -5.77
N TYR A 340 -17.16 -23.08 -5.93
CA TYR A 340 -16.61 -23.36 -7.24
C TYR A 340 -16.40 -24.87 -7.37
N GLU A 341 -16.64 -25.40 -8.57
CA GLU A 341 -16.25 -26.77 -8.88
C GLU A 341 -14.97 -26.72 -9.71
N ARG A 342 -13.96 -27.46 -9.27
CA ARG A 342 -12.70 -27.53 -10.01
C ARG A 342 -12.26 -28.98 -10.10
N LYS A 343 -12.41 -29.55 -11.30
CA LYS A 343 -11.95 -30.91 -11.60
C LYS A 343 -12.44 -31.91 -10.54
N GLY A 344 -13.72 -31.86 -10.24
CA GLY A 344 -14.32 -32.76 -9.27
C GLY A 344 -14.25 -32.32 -7.82
N GLU A 345 -13.43 -31.31 -7.50
CA GLU A 345 -13.34 -30.78 -6.15
C GLU A 345 -14.30 -29.61 -5.99
N ARG A 346 -14.91 -29.51 -4.81
CA ARG A 346 -15.74 -28.35 -4.46
C ARG A 346 -14.92 -27.41 -3.57
N LEU A 347 -14.71 -26.19 -4.05
CA LEU A 347 -13.93 -25.18 -3.35
C LEU A 347 -14.89 -24.21 -2.67
N GLU A 348 -14.75 -24.06 -1.35
CA GLU A 348 -15.51 -23.09 -0.58
C GLU A 348 -14.76 -21.79 -0.36
N ILE A 349 -13.48 -21.73 -0.73
CA ILE A 349 -12.58 -20.62 -0.44
C ILE A 349 -11.97 -20.16 -1.75
N PHE A 350 -11.90 -18.83 -1.94
CA PHE A 350 -11.40 -18.22 -3.16
C PHE A 350 -9.94 -18.59 -3.39
N PRO A 351 -9.59 -19.21 -4.52
CA PRO A 351 -8.20 -19.62 -4.74
C PRO A 351 -7.39 -18.54 -5.44
N SER A 352 -6.06 -18.68 -5.38
CA SER A 352 -5.18 -17.69 -5.99
C SER A 352 -5.12 -17.79 -7.51
N ASP A 353 -5.65 -18.87 -8.09
CA ASP A 353 -5.71 -19.06 -9.54
C ASP A 353 -7.11 -19.60 -9.83
N LEU A 354 -7.87 -18.87 -10.65
CA LEU A 354 -9.24 -19.25 -10.96
C LEU A 354 -9.36 -20.21 -12.14
N LYS A 355 -8.24 -20.72 -12.64
CA LYS A 355 -8.26 -21.68 -13.74
C LYS A 355 -9.17 -22.86 -13.41
N ASP A 356 -10.05 -23.20 -14.37
CA ASP A 356 -10.96 -24.35 -14.26
C ASP A 356 -11.97 -24.22 -13.13
N CYS A 357 -12.21 -23.02 -12.61
CA CYS A 357 -13.20 -22.85 -11.54
C CYS A 357 -14.55 -22.54 -12.17
N VAL A 358 -15.49 -23.47 -12.01
CA VAL A 358 -16.83 -23.37 -12.60
C VAL A 358 -17.80 -23.04 -11.47
N PRO A 359 -18.72 -22.11 -11.65
CA PRO A 359 -19.60 -21.72 -10.53
C PRO A 359 -20.61 -22.81 -10.20
N ILE A 360 -20.88 -22.96 -8.91
CA ILE A 360 -21.96 -23.80 -8.40
C ILE A 360 -23.04 -22.86 -7.89
N TYR A 361 -24.23 -22.94 -8.49
CA TYR A 361 -25.28 -21.96 -8.26
C TYR A 361 -26.38 -22.50 -7.34
N GLN A 362 -26.87 -21.64 -6.46
CA GLN A 362 -28.15 -21.80 -5.78
C GLN A 362 -29.12 -20.77 -6.38
N THR A 363 -30.38 -21.17 -6.57
CA THR A 363 -31.35 -20.34 -7.28
C THR A 363 -32.42 -19.83 -6.34
N PHE A 364 -32.86 -18.59 -6.56
CA PHE A 364 -33.82 -17.92 -5.69
C PHE A 364 -35.00 -17.42 -6.51
N LYS A 365 -36.19 -17.49 -5.91
CA LYS A 365 -37.39 -17.02 -6.58
C LYS A 365 -37.32 -15.50 -6.77
N GLY A 366 -37.66 -15.04 -7.98
CA GLY A 366 -37.53 -13.63 -8.31
C GLY A 366 -38.65 -12.78 -7.74
N TRP A 367 -38.48 -11.47 -7.90
CA TRP A 367 -39.43 -10.47 -7.42
C TRP A 367 -39.79 -9.52 -8.56
N GLU A 368 -40.69 -8.58 -8.29
CA GLU A 368 -41.29 -7.78 -9.35
C GLU A 368 -41.07 -6.28 -9.23
N LYS A 369 -40.94 -5.73 -8.02
CA LYS A 369 -41.14 -4.29 -7.85
C LYS A 369 -40.34 -3.74 -6.67
N SER A 370 -39.04 -4.01 -6.62
CA SER A 370 -38.25 -3.37 -5.58
C SER A 370 -37.88 -1.92 -5.91
N VAL A 371 -38.06 -1.46 -7.15
CA VAL A 371 -37.56 -0.15 -7.57
C VAL A 371 -38.18 0.96 -6.72
N GLY A 372 -37.33 1.87 -6.22
CA GLY A 372 -37.80 3.02 -5.49
C GLY A 372 -38.32 2.77 -4.08
N VAL A 373 -38.31 1.52 -3.60
CA VAL A 373 -38.80 1.25 -2.24
C VAL A 373 -37.88 1.90 -1.22
N ARG A 374 -38.47 2.53 -0.20
CA ARG A 374 -37.70 3.24 0.83
C ARG A 374 -37.87 2.68 2.23
N LYS A 375 -38.66 1.62 2.42
CA LYS A 375 -38.96 1.06 3.73
C LYS A 375 -38.78 -0.45 3.66
N LEU A 376 -38.10 -1.02 4.67
CA LEU A 376 -37.86 -2.47 4.70
C LEU A 376 -39.17 -3.25 4.56
N ASP A 377 -40.19 -2.89 5.32
CA ASP A 377 -41.44 -3.64 5.31
C ASP A 377 -42.22 -3.50 3.99
N ASP A 378 -41.83 -2.58 3.12
CA ASP A 378 -42.41 -2.49 1.79
C ASP A 378 -41.77 -3.47 0.80
N LEU A 379 -40.66 -4.11 1.15
CA LEU A 379 -40.01 -5.01 0.20
C LEU A 379 -40.78 -6.32 0.09
N GLU A 380 -40.76 -6.90 -1.11
CA GLU A 380 -41.46 -8.16 -1.34
C GLU A 380 -40.80 -9.28 -0.55
N PRO A 381 -41.59 -10.29 -0.12
CA PRO A 381 -41.01 -11.41 0.63
C PRO A 381 -39.83 -12.09 -0.07
N ASN A 382 -39.90 -12.25 -1.39
CA ASN A 382 -38.82 -12.94 -2.10
C ASN A 382 -37.52 -12.13 -2.07
N VAL A 383 -37.60 -10.80 -2.17
CA VAL A 383 -36.37 -10.00 -2.08
C VAL A 383 -35.76 -10.13 -0.69
N ARG A 384 -36.61 -10.11 0.35
CA ARG A 384 -36.11 -10.19 1.71
C ARG A 384 -35.42 -11.52 1.98
N GLU A 385 -35.91 -12.62 1.39
CA GLU A 385 -35.20 -13.89 1.50
C GLU A 385 -33.81 -13.82 0.87
N TYR A 386 -33.70 -13.18 -0.31
CA TYR A 386 -32.41 -13.01 -0.98
C TYR A 386 -31.45 -12.22 -0.11
N ILE A 387 -31.91 -11.07 0.43
CA ILE A 387 -31.09 -10.25 1.31
C ILE A 387 -30.63 -11.05 2.53
N ARG A 388 -31.57 -11.76 3.18
CA ARG A 388 -31.23 -12.53 4.36
C ARG A 388 -30.16 -13.58 4.04
N PHE A 389 -30.27 -14.23 2.88
CA PHE A 389 -29.31 -15.27 2.53
C PHE A 389 -27.90 -14.69 2.42
N ILE A 390 -27.78 -13.51 1.79
CA ILE A 390 -26.48 -12.87 1.60
C ILE A 390 -25.84 -12.55 2.94
N GLU A 391 -26.59 -11.87 3.83
CA GLU A 391 -26.04 -11.54 5.14
C GLU A 391 -25.56 -12.80 5.85
N LYS A 392 -26.39 -13.85 5.84
CA LYS A 392 -26.06 -15.05 6.60
C LYS A 392 -24.84 -15.77 6.03
N GLU A 393 -24.75 -15.88 4.70
CA GLU A 393 -23.65 -16.62 4.10
C GLU A 393 -22.33 -15.86 4.21
N VAL A 394 -22.37 -14.54 4.04
CA VAL A 394 -21.16 -13.72 4.09
C VAL A 394 -20.76 -13.42 5.53
N GLY A 395 -21.73 -13.37 6.44
CA GLY A 395 -21.45 -13.10 7.84
C GLY A 395 -21.26 -11.64 8.18
N VAL A 396 -21.74 -10.73 7.33
CA VAL A 396 -21.65 -9.30 7.57
C VAL A 396 -23.06 -8.73 7.41
N LYS A 397 -23.46 -7.86 8.31
CA LYS A 397 -24.84 -7.40 8.27
C LYS A 397 -25.03 -6.35 7.19
N ILE A 398 -26.14 -6.45 6.47
CA ILE A 398 -26.47 -5.50 5.42
C ILE A 398 -27.18 -4.33 6.08
N ARG A 399 -26.57 -3.15 6.02
CA ARG A 399 -27.07 -1.97 6.70
C ARG A 399 -27.71 -0.96 5.76
N LEU A 400 -27.42 -1.05 4.45
CA LEU A 400 -27.98 -0.14 3.46
C LEU A 400 -28.42 -0.95 2.25
N ILE A 401 -29.58 -0.59 1.71
CA ILE A 401 -30.08 -1.20 0.49
C ILE A 401 -30.50 -0.07 -0.44
N SER A 402 -29.99 -0.08 -1.66
CA SER A 402 -30.33 0.91 -2.67
C SER A 402 -31.31 0.34 -3.69
N THR A 403 -32.31 1.14 -4.06
CA THR A 403 -33.38 0.70 -4.95
C THR A 403 -33.56 1.59 -6.18
N SER A 404 -32.67 2.55 -6.42
CA SER A 404 -32.60 3.34 -7.64
C SER A 404 -31.33 4.19 -7.60
N PRO A 405 -30.94 4.85 -8.70
CA PRO A 405 -29.78 5.76 -8.64
C PRO A 405 -29.96 6.91 -7.66
N GLU A 406 -31.20 7.27 -7.30
CA GLU A 406 -31.45 8.49 -6.55
C GLU A 406 -30.93 8.36 -5.12
N ARG A 407 -30.28 9.42 -4.64
CA ARG A 407 -29.75 9.49 -3.28
C ARG A 407 -30.75 8.99 -2.24
N GLU A 408 -32.00 9.47 -2.29
CA GLU A 408 -32.94 9.15 -1.23
C GLU A 408 -33.61 7.80 -1.39
N ASP A 409 -33.40 7.09 -2.50
CA ASP A 409 -33.95 5.74 -2.66
C ASP A 409 -32.99 4.74 -2.00
N THR A 410 -32.92 4.84 -0.68
CA THR A 410 -31.95 4.08 0.12
C THR A 410 -32.60 3.71 1.45
N ILE A 411 -32.57 2.42 1.80
CA ILE A 411 -33.12 1.94 3.07
C ILE A 411 -31.98 1.74 4.05
N PHE A 412 -32.13 2.30 5.25
CA PHE A 412 -31.17 2.13 6.33
C PHE A 412 -31.65 1.04 7.29
N LEU A 413 -30.79 0.07 7.56
CA LEU A 413 -31.11 -1.01 8.47
C LEU A 413 -30.06 -1.04 9.58
N SER B 1 -9.37 -4.42 17.15
CA SER B 1 -7.94 -4.61 17.41
C SER B 1 -7.68 -5.99 18.01
N HIS B 2 -7.57 -7.00 17.14
CA HIS B 2 -7.53 -8.39 17.58
C HIS B 2 -6.12 -8.92 17.89
N MET B 3 -5.54 -9.72 16.99
CA MET B 3 -4.44 -10.61 17.36
C MET B 3 -3.15 -10.40 16.58
N ALA B 4 -3.07 -9.42 15.70
CA ALA B 4 -1.88 -9.21 14.89
C ALA B 4 -1.11 -8.02 15.45
N ASP B 5 0.13 -8.27 15.85
CA ASP B 5 1.02 -7.22 16.32
C ASP B 5 2.02 -6.89 15.22
N VAL B 6 2.48 -5.63 15.20
CA VAL B 6 3.38 -5.14 14.15
C VAL B 6 4.63 -4.54 14.78
N VAL B 7 5.79 -4.91 14.25
CA VAL B 7 7.07 -4.27 14.60
C VAL B 7 7.48 -3.44 13.39
N VAL B 8 7.65 -2.11 13.59
CA VAL B 8 7.97 -1.20 12.49
C VAL B 8 9.14 -0.32 12.90
N GLY B 9 10.08 -0.12 11.98
CA GLY B 9 11.16 0.85 12.20
C GLY B 9 10.63 2.25 12.01
N ILE B 10 10.86 3.13 12.98
CA ILE B 10 10.23 4.45 12.86
C ILE B 10 11.21 5.52 12.39
N GLN B 11 12.41 5.14 11.98
CA GLN B 11 13.35 6.10 11.41
C GLN B 11 13.65 5.78 9.94
N TRP B 12 14.92 5.65 9.57
CA TRP B 12 15.32 5.26 8.22
C TRP B 12 15.95 3.87 8.18
N GLY B 13 15.35 2.89 8.86
CA GLY B 13 15.87 1.54 8.84
C GLY B 13 17.01 1.32 9.83
N ASP B 14 17.44 0.06 9.94
CA ASP B 14 18.57 -0.33 10.82
C ASP B 14 18.36 0.09 12.28
N GLU B 15 17.12 0.10 12.74
CA GLU B 15 16.84 0.53 14.11
C GLU B 15 17.03 -0.59 15.13
N GLY B 16 16.97 -1.85 14.72
CA GLY B 16 17.02 -3.01 15.59
C GLY B 16 15.78 -3.89 15.51
N LYS B 17 15.10 -3.85 14.36
CA LYS B 17 13.87 -4.64 14.19
C LYS B 17 14.14 -6.14 14.30
N GLY B 18 15.21 -6.63 13.69
CA GLY B 18 15.52 -8.05 13.77
C GLY B 18 15.70 -8.53 15.21
N LYS B 19 16.44 -7.76 16.01
CA LYS B 19 16.62 -8.13 17.41
C LYS B 19 15.29 -8.21 18.14
N ILE B 20 14.41 -7.21 17.96
CA ILE B 20 13.17 -7.18 18.72
C ILE B 20 12.24 -8.32 18.28
N VAL B 21 12.13 -8.57 16.98
CA VAL B 21 11.29 -9.66 16.50
C VAL B 21 11.79 -11.00 17.06
N ASP B 22 13.10 -11.25 16.95
CA ASP B 22 13.61 -12.51 17.50
C ASP B 22 13.41 -12.60 19.02
N ARG B 23 13.49 -11.47 19.74
CA ARG B 23 13.28 -11.53 21.18
C ARG B 23 11.85 -11.92 21.55
N ILE B 24 10.85 -11.51 20.76
CA ILE B 24 9.45 -11.74 21.11
C ILE B 24 8.76 -12.85 20.32
N ALA B 25 9.41 -13.41 19.29
CA ALA B 25 8.71 -14.27 18.34
C ALA B 25 8.21 -15.57 18.95
N LYS B 26 8.85 -16.05 20.04
CA LYS B 26 8.48 -17.37 20.56
C LYS B 26 7.01 -17.45 20.97
N ASP B 27 6.39 -16.31 21.28
CA ASP B 27 5.02 -16.29 21.75
C ASP B 27 3.99 -16.16 20.62
N TYR B 28 4.42 -16.29 19.37
CA TYR B 28 3.54 -16.12 18.21
C TYR B 28 3.48 -17.38 17.37
N ASP B 29 2.31 -17.59 16.75
CA ASP B 29 2.13 -18.70 15.82
C ASP B 29 2.69 -18.42 14.43
N PHE B 30 2.62 -17.15 13.95
CA PHE B 30 3.15 -16.75 12.64
C PHE B 30 4.04 -15.53 12.81
N VAL B 31 5.11 -15.46 12.01
CA VAL B 31 5.98 -14.29 11.89
C VAL B 31 6.09 -13.99 10.40
N VAL B 32 5.79 -12.76 10.00
CA VAL B 32 5.47 -12.45 8.60
C VAL B 32 6.30 -11.26 8.12
N ARG B 33 7.14 -11.47 7.10
CA ARG B 33 7.72 -10.35 6.36
C ARG B 33 6.72 -9.93 5.29
N TYR B 34 6.37 -8.64 5.26
CA TYR B 34 5.27 -8.18 4.43
C TYR B 34 5.62 -7.21 3.31
N GLN B 35 6.82 -6.64 3.26
CA GLN B 35 7.19 -5.83 2.11
C GLN B 35 8.71 -5.82 1.98
N GLY B 36 9.20 -5.10 0.96
CA GLY B 36 10.62 -5.03 0.67
C GLY B 36 11.15 -6.34 0.09
N GLY B 37 12.48 -6.43 0.07
CA GLY B 37 13.15 -7.60 -0.46
C GLY B 37 14.40 -7.93 0.33
N HIS B 38 15.44 -8.40 -0.35
CA HIS B 38 16.74 -8.67 0.26
C HIS B 38 17.60 -7.40 0.37
N ASN B 39 17.01 -6.23 0.08
CA ASN B 39 17.61 -4.98 0.53
C ASN B 39 17.64 -4.91 2.05
N ALA B 40 16.70 -5.58 2.71
CA ALA B 40 16.69 -5.63 4.16
C ALA B 40 17.87 -6.48 4.65
N GLY B 41 18.36 -6.12 5.83
CA GLY B 41 19.30 -6.97 6.55
C GLY B 41 19.03 -6.87 8.04
N HIS B 42 18.50 -7.94 8.63
CA HIS B 42 18.05 -7.94 10.02
C HIS B 42 18.99 -8.85 10.82
N THR B 43 19.70 -8.28 11.78
CA THR B 43 20.77 -8.98 12.49
C THR B 43 20.30 -9.44 13.87
N ILE B 44 20.48 -10.73 14.15
CA ILE B 44 20.06 -11.36 15.39
C ILE B 44 21.32 -11.95 16.01
N VAL B 45 21.52 -11.74 17.31
CA VAL B 45 22.67 -12.29 18.03
C VAL B 45 22.18 -12.95 19.30
N HIS B 46 22.65 -14.17 19.55
CA HIS B 46 22.25 -14.89 20.76
C HIS B 46 23.37 -15.87 21.09
N LYS B 47 23.90 -15.76 22.30
CA LYS B 47 24.95 -16.66 22.76
C LYS B 47 26.19 -16.62 21.85
N GLY B 48 26.55 -15.41 21.40
CA GLY B 48 27.73 -15.21 20.58
C GLY B 48 27.63 -15.70 19.15
N VAL B 49 26.44 -16.10 18.68
CA VAL B 49 26.24 -16.51 17.29
C VAL B 49 25.34 -15.47 16.61
N LYS B 50 25.78 -14.96 15.46
CA LYS B 50 25.04 -13.95 14.71
C LYS B 50 24.39 -14.55 13.48
N HIS B 51 23.15 -14.14 13.19
CA HIS B 51 22.51 -14.43 11.92
C HIS B 51 22.10 -13.10 11.30
N SER B 52 22.46 -12.91 10.05
CA SER B 52 22.04 -11.73 9.30
C SER B 52 21.01 -12.21 8.27
N LEU B 53 19.76 -11.82 8.47
CA LEU B 53 18.65 -12.30 7.66
C LEU B 53 18.27 -11.23 6.65
N HIS B 54 17.97 -11.67 5.43
CA HIS B 54 17.65 -10.72 4.37
C HIS B 54 16.20 -10.80 3.92
N LEU B 55 15.73 -11.98 3.55
CA LEU B 55 14.30 -12.18 3.33
C LEU B 55 13.68 -13.19 4.27
N MET B 56 14.47 -14.11 4.81
CA MET B 56 14.03 -15.00 5.88
C MET B 56 13.43 -14.20 7.04
N PRO B 57 12.20 -14.51 7.47
CA PRO B 57 11.63 -13.81 8.63
C PRO B 57 12.36 -14.16 9.91
N SER B 58 12.31 -13.23 10.86
CA SER B 58 13.09 -13.34 12.09
C SER B 58 12.45 -14.23 13.16
N GLY B 59 11.53 -15.11 12.79
CA GLY B 59 11.03 -16.15 13.65
C GLY B 59 11.75 -17.48 13.44
N VAL B 60 12.77 -17.49 12.58
CA VAL B 60 13.36 -18.71 12.07
C VAL B 60 14.09 -19.49 13.16
N LEU B 61 14.48 -18.83 14.25
CA LEU B 61 15.22 -19.50 15.32
C LEU B 61 14.31 -20.20 16.32
N TYR B 62 13.00 -20.17 16.10
CA TYR B 62 12.02 -20.90 16.92
C TYR B 62 11.24 -21.83 16.00
N PRO B 63 11.61 -23.12 15.93
CA PRO B 63 11.02 -24.01 14.91
C PRO B 63 9.50 -24.18 15.01
N LYS B 64 8.87 -23.87 16.15
CA LYS B 64 7.42 -23.94 16.24
C LYS B 64 6.73 -22.80 15.48
N CYS B 65 7.43 -21.70 15.23
CA CYS B 65 6.84 -20.58 14.51
C CYS B 65 6.70 -20.92 13.03
N LYS B 66 5.63 -20.44 12.39
CA LYS B 66 5.51 -20.53 10.94
C LYS B 66 5.89 -19.18 10.34
N ASN B 67 6.95 -19.18 9.53
CA ASN B 67 7.44 -17.94 8.93
C ASN B 67 6.83 -17.76 7.54
N ILE B 68 6.33 -16.56 7.27
CA ILE B 68 5.62 -16.26 6.02
C ILE B 68 6.33 -15.09 5.31
N ILE B 69 6.65 -15.28 4.05
CA ILE B 69 7.07 -14.19 3.16
C ILE B 69 5.84 -13.81 2.33
N SER B 70 5.27 -12.63 2.58
CA SER B 70 3.94 -12.29 2.08
C SER B 70 3.95 -11.70 0.65
N SER B 71 2.78 -11.28 0.15
CA SER B 71 2.59 -10.99 -1.28
C SER B 71 3.25 -9.70 -1.78
N ALA B 72 3.46 -8.70 -0.92
CA ALA B 72 4.05 -7.45 -1.38
C ALA B 72 5.58 -7.45 -1.35
N VAL B 73 6.19 -8.57 -0.95
CA VAL B 73 7.64 -8.68 -1.02
C VAL B 73 8.08 -8.88 -2.48
N VAL B 74 9.34 -8.54 -2.76
CA VAL B 74 9.97 -8.85 -4.04
C VAL B 74 11.09 -9.85 -3.77
N VAL B 75 11.10 -10.97 -4.50
CA VAL B 75 11.90 -12.15 -4.15
C VAL B 75 13.03 -12.35 -5.16
N SER B 76 14.28 -12.32 -4.68
CA SER B 76 15.40 -12.86 -5.46
C SER B 76 15.53 -14.33 -5.09
N VAL B 77 15.18 -15.22 -6.03
CA VAL B 77 15.02 -16.64 -5.70
C VAL B 77 16.34 -17.25 -5.26
N LYS B 78 17.43 -16.94 -5.96
CA LYS B 78 18.74 -17.49 -5.63
C LYS B 78 19.14 -17.13 -4.20
N ASP B 79 19.00 -15.85 -3.84
CA ASP B 79 19.40 -15.43 -2.50
C ASP B 79 18.53 -16.09 -1.44
N LEU B 80 17.22 -16.21 -1.69
CA LEU B 80 16.36 -16.88 -0.73
C LEU B 80 16.75 -18.36 -0.56
N CYS B 81 17.05 -19.05 -1.65
CA CYS B 81 17.50 -20.44 -1.54
C CYS B 81 18.77 -20.56 -0.73
N GLU B 82 19.66 -19.56 -0.83
CA GLU B 82 20.89 -19.62 -0.05
C GLU B 82 20.62 -19.41 1.44
N GLU B 83 19.60 -18.62 1.79
CA GLU B 83 19.19 -18.52 3.18
C GLU B 83 18.56 -19.81 3.67
N ILE B 84 17.73 -20.45 2.84
CA ILE B 84 17.06 -21.69 3.23
C ILE B 84 18.09 -22.74 3.61
N SER B 85 19.23 -22.78 2.92
CA SER B 85 20.21 -23.83 3.15
C SER B 85 20.93 -23.70 4.50
N ALA B 86 20.79 -22.56 5.20
CA ALA B 86 21.47 -22.38 6.48
C ALA B 86 20.68 -22.90 7.69
N PHE B 87 19.50 -23.47 7.48
CA PHE B 87 18.63 -23.92 8.57
C PHE B 87 18.14 -25.34 8.28
N GLU B 88 17.79 -26.06 9.34
CA GLU B 88 17.36 -27.45 9.26
C GLU B 88 15.84 -27.52 9.26
N ASP B 89 15.28 -28.32 8.35
CA ASP B 89 13.87 -28.71 8.39
C ASP B 89 12.92 -27.51 8.32
N LEU B 90 13.08 -26.70 7.27
CA LEU B 90 12.21 -25.55 7.04
C LEU B 90 10.89 -25.90 6.36
N GLU B 91 10.70 -27.15 5.91
CA GLU B 91 9.66 -27.46 4.93
C GLU B 91 8.26 -27.05 5.39
N ASN B 92 7.91 -27.25 6.66
CA ASN B 92 6.59 -26.88 7.13
C ASN B 92 6.61 -25.71 8.11
N ARG B 93 7.66 -24.91 8.08
CA ARG B 93 7.73 -23.71 8.91
C ARG B 93 8.17 -22.47 8.13
N LEU B 94 8.20 -22.55 6.80
CA LEU B 94 8.48 -21.40 5.95
C LEU B 94 7.57 -21.49 4.73
N PHE B 95 6.88 -20.39 4.41
CA PHE B 95 5.94 -20.37 3.29
C PHE B 95 6.10 -19.06 2.54
N VAL B 96 6.20 -19.15 1.20
CA VAL B 96 6.41 -18.00 0.32
C VAL B 96 5.15 -17.80 -0.50
N SER B 97 4.62 -16.57 -0.50
CA SER B 97 3.36 -16.28 -1.17
C SER B 97 3.46 -16.53 -2.68
N ASP B 98 2.45 -17.22 -3.22
CA ASP B 98 2.36 -17.40 -4.66
C ASP B 98 2.08 -16.09 -5.40
N ARG B 99 1.79 -15.01 -4.67
CA ARG B 99 1.59 -13.70 -5.29
C ARG B 99 2.81 -12.79 -5.17
N ALA B 100 3.90 -13.23 -4.53
CA ALA B 100 5.05 -12.34 -4.42
C ALA B 100 5.73 -12.19 -5.78
N HIS B 101 6.25 -11.00 -6.05
CA HIS B 101 6.90 -10.80 -7.34
C HIS B 101 8.37 -11.22 -7.32
N VAL B 102 8.91 -11.50 -8.52
CA VAL B 102 10.22 -12.13 -8.67
C VAL B 102 11.20 -11.12 -9.26
N ILE B 103 12.38 -11.02 -8.63
CA ILE B 103 13.44 -10.11 -9.11
C ILE B 103 14.25 -10.84 -10.17
N LEU B 104 14.41 -10.20 -11.32
CA LEU B 104 15.20 -10.70 -12.44
C LEU B 104 16.52 -9.93 -12.51
N PRO B 105 17.56 -10.54 -13.10
CA PRO B 105 18.87 -9.85 -13.17
C PRO B 105 18.81 -8.51 -13.87
N TYR B 106 17.91 -8.39 -14.87
CA TYR B 106 17.60 -7.10 -15.49
C TYR B 106 17.35 -6.01 -14.46
N HIS B 107 16.67 -6.36 -13.36
CA HIS B 107 16.21 -5.34 -12.42
C HIS B 107 17.38 -4.62 -11.74
N ALA B 108 18.38 -5.38 -11.27
CA ALA B 108 19.53 -4.74 -10.65
C ALA B 108 20.33 -3.92 -11.65
N LYS B 109 20.35 -4.35 -12.91
CA LYS B 109 21.09 -3.61 -13.94
C LYS B 109 20.41 -2.28 -14.24
N LYS B 110 19.09 -2.31 -14.38
CA LYS B 110 18.33 -1.07 -14.55
C LYS B 110 18.51 -0.16 -13.33
N ASP B 111 18.54 -0.74 -12.13
CA ASP B 111 18.72 0.02 -10.90
C ASP B 111 20.03 0.81 -10.94
N ALA B 112 21.13 0.13 -11.30
CA ALA B 112 22.42 0.81 -11.39
C ALA B 112 22.40 1.90 -12.48
N PHE B 113 21.82 1.59 -13.63
CA PHE B 113 21.75 2.57 -14.71
C PHE B 113 21.03 3.85 -14.29
N LYS B 114 19.82 3.71 -13.74
CA LYS B 114 19.06 4.91 -13.36
C LYS B 114 19.77 5.68 -12.25
N GLU B 115 20.50 4.98 -11.38
CA GLU B 115 21.21 5.63 -10.29
C GLU B 115 22.26 6.61 -10.78
N LYS B 116 22.76 6.42 -12.00
CA LYS B 116 23.76 7.34 -12.55
C LYS B 116 23.23 8.76 -12.66
N SER B 117 21.93 8.90 -12.95
CA SER B 117 21.33 10.23 -12.99
C SER B 117 20.57 10.61 -11.72
N GLN B 118 19.95 9.64 -11.04
CA GLN B 118 19.11 10.00 -9.89
C GLN B 118 19.87 10.08 -8.58
N ASN B 119 20.93 9.27 -8.43
CA ASN B 119 21.79 9.33 -7.25
C ASN B 119 20.96 9.33 -5.97
N ILE B 120 20.06 8.35 -5.86
CA ILE B 120 19.28 8.20 -4.64
C ILE B 120 20.12 7.54 -3.55
N GLY B 121 20.96 6.60 -3.93
CA GLY B 121 21.66 5.81 -2.94
C GLY B 121 20.91 4.53 -2.63
N THR B 122 20.33 3.89 -3.64
CA THR B 122 19.67 2.61 -3.44
C THR B 122 20.70 1.50 -3.17
N THR B 123 20.20 0.35 -2.76
CA THR B 123 21.06 -0.81 -2.53
C THR B 123 21.51 -1.50 -3.82
N LYS B 124 20.99 -1.07 -4.98
CA LYS B 124 21.37 -1.62 -6.28
C LYS B 124 21.02 -3.11 -6.40
N LYS B 125 19.98 -3.56 -5.71
CA LYS B 125 19.55 -4.95 -5.76
C LYS B 125 18.35 -5.16 -6.68
N GLY B 126 17.90 -4.10 -7.36
CA GLY B 126 16.77 -4.22 -8.27
C GLY B 126 15.41 -4.11 -7.61
N ILE B 127 15.34 -3.63 -6.37
CA ILE B 127 14.07 -3.58 -5.64
C ILE B 127 13.07 -2.70 -6.38
N GLY B 128 13.46 -1.45 -6.66
CA GLY B 128 12.59 -0.51 -7.34
C GLY B 128 12.10 -0.97 -8.69
N PRO B 129 13.02 -1.39 -9.56
CA PRO B 129 12.61 -1.91 -10.87
C PRO B 129 11.67 -3.12 -10.79
N CYS B 130 11.83 -3.98 -9.78
CA CYS B 130 10.87 -5.07 -9.63
C CYS B 130 9.48 -4.54 -9.33
N TYR B 131 9.38 -3.58 -8.40
CA TYR B 131 8.10 -2.95 -8.11
C TYR B 131 7.54 -2.20 -9.32
N GLU B 132 8.40 -1.69 -10.20
CA GLU B 132 7.92 -1.04 -11.42
C GLU B 132 7.20 -2.04 -12.32
N ASP B 133 7.80 -3.22 -12.52
CA ASP B 133 7.16 -4.24 -13.36
C ASP B 133 5.87 -4.74 -12.72
N LYS B 134 5.80 -4.74 -11.40
CA LYS B 134 4.54 -5.01 -10.73
C LYS B 134 3.46 -4.01 -11.15
N MET B 135 3.79 -2.72 -11.11
CA MET B 135 2.82 -1.69 -11.44
C MET B 135 2.43 -1.82 -12.91
N ALA B 136 3.40 -2.16 -13.75
CA ALA B 136 3.15 -2.37 -15.18
C ALA B 136 2.30 -3.61 -15.43
N ARG B 137 2.18 -4.49 -14.44
CA ARG B 137 1.43 -5.74 -14.53
C ARG B 137 2.07 -6.72 -15.51
N SER B 138 3.34 -6.51 -15.82
CA SER B 138 4.15 -7.44 -16.59
C SER B 138 5.04 -8.32 -15.72
N GLY B 139 5.07 -8.08 -14.41
CA GLY B 139 5.97 -8.82 -13.55
C GLY B 139 5.62 -10.28 -13.40
N ILE B 140 6.64 -11.09 -13.11
CA ILE B 140 6.51 -12.51 -12.85
C ILE B 140 6.31 -12.69 -11.35
N ARG B 141 5.44 -13.63 -10.97
CA ARG B 141 5.15 -13.90 -9.57
C ARG B 141 5.58 -15.33 -9.20
N MET B 142 5.75 -15.56 -7.90
CA MET B 142 6.25 -16.85 -7.42
C MET B 142 5.40 -18.02 -7.93
N GLY B 143 4.07 -17.85 -7.94
CA GLY B 143 3.21 -18.91 -8.42
C GLY B 143 3.47 -19.31 -9.85
N ASP B 144 4.06 -18.42 -10.65
CA ASP B 144 4.35 -18.75 -12.04
C ASP B 144 5.37 -19.87 -12.15
N LEU B 145 6.23 -20.02 -11.13
CA LEU B 145 7.27 -21.05 -11.16
C LEU B 145 6.70 -22.45 -11.00
N LEU B 146 5.46 -22.58 -10.54
CA LEU B 146 4.85 -23.88 -10.32
C LEU B 146 4.39 -24.56 -11.60
N ASP B 147 4.42 -23.86 -12.74
CA ASP B 147 3.97 -24.43 -14.02
C ASP B 147 5.00 -24.06 -15.07
N ASP B 148 5.71 -25.08 -15.57
CA ASP B 148 6.80 -24.85 -16.53
C ASP B 148 6.31 -24.07 -17.74
N LYS B 149 5.13 -24.40 -18.25
CA LYS B 149 4.63 -23.76 -19.47
C LYS B 149 4.38 -22.27 -19.26
N ILE B 150 3.72 -21.90 -18.17
CA ILE B 150 3.48 -20.48 -17.91
C ILE B 150 4.78 -19.72 -17.71
N LEU B 151 5.73 -20.29 -16.98
CA LEU B 151 7.01 -19.62 -16.80
C LEU B 151 7.70 -19.38 -18.14
N GLU B 152 7.61 -20.35 -19.05
CA GLU B 152 8.18 -20.18 -20.38
C GLU B 152 7.58 -18.97 -21.09
N GLU B 153 6.25 -18.92 -21.17
CA GLU B 153 5.60 -17.83 -21.89
C GLU B 153 5.96 -16.47 -21.29
N LYS B 154 6.08 -16.40 -19.96
CA LYS B 154 6.37 -15.12 -19.31
C LYS B 154 7.83 -14.72 -19.48
N LEU B 155 8.74 -15.68 -19.45
CA LEU B 155 10.14 -15.35 -19.71
C LEU B 155 10.34 -14.91 -21.15
N ASN B 156 9.57 -15.48 -22.08
CA ASN B 156 9.64 -15.08 -23.49
C ASN B 156 9.21 -13.64 -23.66
N ALA B 157 8.06 -13.27 -23.08
CA ALA B 157 7.61 -11.88 -23.15
C ALA B 157 8.64 -10.92 -22.56
N HIS B 158 9.31 -11.36 -21.48
CA HIS B 158 10.33 -10.53 -20.84
C HIS B 158 11.53 -10.33 -21.75
N PHE B 159 12.03 -11.42 -22.34
CA PHE B 159 13.16 -11.34 -23.27
C PHE B 159 12.85 -10.36 -24.40
N LYS B 160 11.69 -10.52 -25.03
CA LYS B 160 11.25 -9.62 -26.08
C LYS B 160 11.27 -8.17 -25.61
N ALA B 161 10.67 -7.91 -24.45
CA ALA B 161 10.49 -6.53 -24.00
C ALA B 161 11.81 -5.84 -23.64
N ILE B 162 12.78 -6.60 -23.13
CA ILE B 162 14.07 -6.01 -22.75
C ILE B 162 15.06 -5.90 -23.90
N GLU B 163 14.67 -6.27 -25.12
CA GLU B 163 15.56 -6.10 -26.27
C GLU B 163 16.09 -4.68 -26.43
N PRO B 164 15.28 -3.62 -26.42
CA PRO B 164 15.83 -2.27 -26.62
C PRO B 164 16.88 -1.87 -25.59
N PHE B 165 16.95 -2.53 -24.44
CA PHE B 165 17.81 -2.10 -23.34
C PHE B 165 19.06 -2.94 -23.18
N LYS B 166 19.28 -3.95 -24.03
CA LYS B 166 20.42 -4.84 -23.87
C LYS B 166 21.74 -4.06 -23.85
N LYS B 167 21.85 -3.03 -24.69
CA LYS B 167 23.08 -2.22 -24.68
C LYS B 167 23.07 -1.21 -23.54
N ALA B 168 21.94 -0.53 -23.32
CA ALA B 168 21.91 0.56 -22.34
C ALA B 168 22.11 0.06 -20.91
N TYR B 169 21.60 -1.12 -20.58
CA TYR B 169 21.73 -1.65 -19.23
C TYR B 169 22.89 -2.63 -19.08
N ASP B 170 23.68 -2.84 -20.14
CA ASP B 170 24.81 -3.76 -20.09
C ASP B 170 24.37 -5.20 -19.79
N LEU B 171 23.31 -5.63 -20.46
CA LEU B 171 22.93 -7.03 -20.41
C LEU B 171 23.85 -7.81 -21.34
N GLY B 172 24.30 -8.97 -20.88
CA GLY B 172 25.14 -9.80 -21.73
C GLY B 172 24.40 -10.27 -22.97
N GLU B 173 25.17 -10.79 -23.92
CA GLU B 173 24.56 -11.53 -25.02
C GLU B 173 24.01 -12.86 -24.56
N ASN B 174 24.42 -13.31 -23.37
CA ASN B 174 23.98 -14.58 -22.79
C ASN B 174 22.87 -14.39 -21.75
N TYR B 175 22.06 -13.33 -21.88
CA TYR B 175 21.04 -13.06 -20.87
C TYR B 175 19.93 -14.10 -20.92
N GLU B 176 19.39 -14.37 -22.11
CA GLU B 176 18.32 -15.35 -22.23
C GLU B 176 18.76 -16.72 -21.74
N LYS B 177 19.94 -17.16 -22.14
CA LYS B 177 20.37 -18.51 -21.79
C LYS B 177 20.74 -18.62 -20.32
N ASP B 178 21.32 -17.55 -19.75
CA ASP B 178 21.64 -17.57 -18.33
C ASP B 178 20.39 -17.61 -17.47
N LEU B 179 19.39 -16.80 -17.81
CA LEU B 179 18.15 -16.78 -17.02
C LEU B 179 17.38 -18.08 -17.15
N MET B 180 17.36 -18.67 -18.35
CA MET B 180 16.79 -19.99 -18.55
C MET B 180 17.40 -20.99 -17.56
N GLY B 181 18.74 -21.03 -17.49
CA GLY B 181 19.39 -21.96 -16.60
C GLY B 181 19.21 -21.62 -15.14
N TYR B 182 19.16 -20.32 -14.82
CA TYR B 182 18.88 -19.88 -13.46
C TYR B 182 17.61 -20.53 -12.92
N PHE B 183 16.52 -20.47 -13.69
CA PHE B 183 15.27 -21.03 -13.20
C PHE B 183 15.26 -22.56 -13.24
N LYS B 184 16.00 -23.17 -14.17
CA LYS B 184 16.14 -24.62 -14.11
C LYS B 184 16.86 -25.05 -12.85
N THR B 185 17.80 -24.25 -12.36
CA THR B 185 18.49 -24.57 -11.12
C THR B 185 17.60 -24.34 -9.91
N TYR B 186 16.97 -23.17 -9.81
CA TYR B 186 16.41 -22.70 -8.56
C TYR B 186 14.92 -22.96 -8.38
N ALA B 187 14.14 -23.02 -9.45
CA ALA B 187 12.72 -23.33 -9.30
C ALA B 187 12.44 -24.65 -8.60
N PRO B 188 13.14 -25.76 -8.90
CA PRO B 188 12.92 -26.98 -8.10
C PRO B 188 13.22 -26.81 -6.62
N LYS B 189 14.21 -25.99 -6.27
CA LYS B 189 14.57 -25.81 -4.86
C LYS B 189 13.50 -25.03 -4.10
N ILE B 190 12.90 -24.03 -4.76
CA ILE B 190 11.96 -23.16 -4.06
C ILE B 190 10.50 -23.61 -4.18
N CYS B 191 10.15 -24.38 -5.21
CA CYS B 191 8.75 -24.75 -5.42
C CYS B 191 8.03 -25.33 -4.21
N PRO B 192 8.63 -26.23 -3.42
CA PRO B 192 7.86 -26.78 -2.28
C PRO B 192 7.43 -25.73 -1.27
N PHE B 193 8.07 -24.56 -1.24
CA PHE B 193 7.74 -23.52 -0.27
C PHE B 193 6.67 -22.55 -0.75
N ILE B 194 6.28 -22.60 -2.02
CA ILE B 194 5.31 -21.64 -2.58
C ILE B 194 3.91 -22.07 -2.18
N LYS B 195 3.15 -21.15 -1.58
CA LYS B 195 1.82 -21.48 -1.07
C LYS B 195 0.92 -20.25 -1.15
N ASP B 196 -0.39 -20.47 -0.99
CA ASP B 196 -1.35 -19.37 -0.90
C ASP B 196 -1.32 -18.87 0.54
N THR B 197 -0.40 -17.94 0.83
CA THR B 197 -0.29 -17.44 2.19
C THR B 197 -1.38 -16.44 2.53
N THR B 198 -2.02 -15.83 1.52
CA THR B 198 -3.16 -14.98 1.82
C THR B 198 -4.23 -15.78 2.54
N SER B 199 -4.58 -16.94 1.99
CA SER B 199 -5.56 -17.81 2.63
C SER B 199 -5.07 -18.28 3.99
N MET B 200 -3.77 -18.53 4.14
CA MET B 200 -3.29 -18.99 5.45
C MET B 200 -3.53 -17.95 6.52
N LEU B 201 -3.29 -16.68 6.21
CA LEU B 201 -3.46 -15.62 7.21
C LEU B 201 -4.92 -15.22 7.39
N ILE B 202 -5.74 -15.31 6.34
CA ILE B 202 -7.18 -15.13 6.53
C ILE B 202 -7.69 -16.12 7.59
N GLU B 203 -7.33 -17.38 7.43
CA GLU B 203 -7.79 -18.41 8.37
C GLU B 203 -7.17 -18.22 9.75
N ALA B 204 -5.89 -17.83 9.81
CA ALA B 204 -5.24 -17.58 11.10
C ALA B 204 -5.93 -16.45 11.85
N ASN B 205 -6.29 -15.38 11.15
CA ASN B 205 -7.04 -14.27 11.74
C ASN B 205 -8.38 -14.77 12.29
N GLN B 206 -9.09 -15.57 11.48
CA GLN B 206 -10.41 -16.06 11.87
C GLN B 206 -10.33 -16.96 13.10
N LYS B 207 -9.28 -17.77 13.19
CA LYS B 207 -9.11 -18.66 14.34
C LYS B 207 -8.50 -17.96 15.55
N GLY B 208 -8.22 -16.68 15.48
CA GLY B 208 -7.63 -15.99 16.61
C GLY B 208 -6.21 -16.40 16.94
N GLU B 209 -5.43 -16.81 15.95
CA GLU B 209 -4.04 -17.15 16.21
C GLU B 209 -3.18 -15.89 16.32
N LYS B 210 -2.06 -16.01 17.01
CA LYS B 210 -1.19 -14.86 17.27
C LYS B 210 -0.25 -14.65 16.08
N ILE B 211 -0.26 -13.45 15.51
CA ILE B 211 0.50 -13.12 14.31
C ILE B 211 1.39 -11.93 14.63
N LEU B 212 2.67 -12.02 14.24
CA LEU B 212 3.63 -10.94 14.40
C LEU B 212 4.11 -10.55 13.01
N LEU B 213 3.95 -9.27 12.66
CA LEU B 213 4.32 -8.78 11.33
C LEU B 213 5.61 -7.98 11.42
N GLU B 214 6.62 -8.37 10.63
CA GLU B 214 7.96 -7.81 10.72
C GLU B 214 8.19 -6.83 9.57
N GLY B 215 8.24 -5.53 9.90
CA GLY B 215 8.55 -4.53 8.90
C GLY B 215 10.01 -4.52 8.50
N ALA B 216 10.24 -4.00 7.30
CA ALA B 216 11.57 -3.78 6.76
C ALA B 216 11.72 -2.30 6.41
N GLN B 217 12.97 -1.87 6.25
CA GLN B 217 13.29 -0.45 6.13
C GLN B 217 12.70 0.33 7.30
N GLY B 218 12.16 1.52 7.07
CA GLY B 218 11.66 2.31 8.17
C GLY B 218 10.66 3.32 7.66
N THR B 219 9.93 3.95 8.61
CA THR B 219 8.80 4.82 8.21
C THR B 219 9.24 5.98 7.32
N LEU B 220 10.41 6.57 7.60
CA LEU B 220 10.83 7.72 6.82
C LEU B 220 11.33 7.34 5.42
N LEU B 221 11.40 6.05 5.12
CA LEU B 221 11.68 5.54 3.78
C LEU B 221 10.42 5.15 3.01
N ASP B 222 9.23 5.45 3.56
CA ASP B 222 7.97 5.08 2.90
C ASP B 222 7.83 5.79 1.55
N ILE B 223 7.40 5.03 0.55
CA ILE B 223 7.32 5.56 -0.82
C ILE B 223 6.38 6.75 -0.91
N ASP B 224 5.29 6.74 -0.13
CA ASP B 224 4.31 7.83 -0.20
C ASP B 224 4.63 8.96 0.77
N LEU B 225 5.00 8.62 2.00
CA LEU B 225 5.06 9.58 3.10
C LEU B 225 6.46 9.82 3.64
N GLY B 226 7.47 9.12 3.13
CA GLY B 226 8.85 9.34 3.53
C GLY B 226 9.47 10.52 2.80
N THR B 227 10.79 10.63 2.95
CA THR B 227 11.56 11.74 2.37
C THR B 227 11.81 11.56 0.87
N TYR B 228 10.70 11.55 0.11
CA TYR B 228 10.73 11.28 -1.33
C TYR B 228 11.62 12.30 -2.04
N PRO B 229 12.42 11.89 -3.05
CA PRO B 229 12.56 10.57 -3.68
C PRO B 229 13.56 9.68 -2.96
N PHE B 230 14.06 10.15 -1.82
CA PHE B 230 15.06 9.40 -1.03
C PHE B 230 14.34 8.42 -0.11
N VAL B 231 13.75 7.40 -0.74
CA VAL B 231 12.87 6.43 -0.09
C VAL B 231 13.04 5.09 -0.81
N THR B 232 12.49 4.03 -0.20
CA THR B 232 12.34 2.76 -0.89
C THR B 232 10.99 2.71 -1.61
N SER B 233 10.82 1.73 -2.50
CA SER B 233 9.66 1.70 -3.40
C SER B 233 8.47 0.92 -2.83
N SER B 234 8.47 0.66 -1.53
CA SER B 234 7.33 0.01 -0.91
C SER B 234 6.80 0.89 0.21
N ASN B 235 5.59 0.57 0.66
CA ASN B 235 5.05 1.19 1.87
C ASN B 235 5.57 0.45 3.10
N THR B 236 6.01 1.21 4.09
CA THR B 236 6.72 0.63 5.22
C THR B 236 5.98 0.74 6.54
N THR B 237 4.84 1.42 6.60
CA THR B 237 4.20 1.66 7.88
C THR B 237 3.33 0.47 8.28
N SER B 238 2.77 0.54 9.50
CA SER B 238 1.95 -0.54 10.02
C SER B 238 0.75 -0.84 9.11
N ALA B 239 0.21 0.17 8.43
CA ALA B 239 -0.93 -0.11 7.55
C ALA B 239 -0.53 -1.02 6.39
N SER B 240 0.72 -0.94 5.92
CA SER B 240 1.13 -1.83 4.84
C SER B 240 1.06 -3.30 5.27
N ALA B 241 1.18 -3.56 6.58
CA ALA B 241 1.10 -4.93 7.09
C ALA B 241 -0.28 -5.55 6.90
N CYS B 242 -1.32 -4.75 6.67
CA CYS B 242 -2.63 -5.34 6.44
C CYS B 242 -3.21 -4.92 5.11
N VAL B 243 -2.37 -4.47 4.18
CA VAL B 243 -2.78 -4.13 2.82
C VAL B 243 -2.79 -5.36 1.93
N SER B 244 -1.75 -6.18 2.06
CA SER B 244 -1.44 -7.23 1.10
C SER B 244 -1.16 -8.58 1.76
N THR B 245 -1.41 -8.73 3.06
CA THR B 245 -1.10 -9.98 3.76
C THR B 245 -2.28 -10.94 3.85
N GLY B 246 -3.50 -10.47 3.62
CA GLY B 246 -4.68 -11.22 4.00
C GLY B 246 -5.30 -10.81 5.31
N LEU B 247 -4.73 -9.83 6.00
CA LEU B 247 -5.30 -9.24 7.20
C LEU B 247 -6.01 -7.95 6.82
N ASN B 248 -6.57 -7.29 7.81
CA ASN B 248 -7.30 -6.06 7.56
C ASN B 248 -7.04 -5.13 8.73
N PRO B 249 -7.38 -3.83 8.63
CA PRO B 249 -6.97 -2.88 9.68
C PRO B 249 -7.51 -3.22 11.06
N LYS B 250 -8.68 -3.85 11.14
CA LYS B 250 -9.31 -4.16 12.41
C LYS B 250 -8.57 -5.26 13.16
N ALA B 251 -7.68 -5.99 12.48
CA ALA B 251 -6.92 -7.06 13.14
C ALA B 251 -5.74 -6.55 13.95
N ILE B 252 -5.30 -5.30 13.73
CA ILE B 252 -4.05 -4.84 14.31
C ILE B 252 -4.23 -4.56 15.80
N ASN B 253 -3.35 -5.14 16.62
CA ASN B 253 -3.42 -5.03 18.08
C ASN B 253 -2.31 -4.10 18.52
N GLU B 254 -1.13 -4.60 18.88
CA GLU B 254 -0.03 -3.75 19.29
C GLU B 254 0.77 -3.32 18.07
N VAL B 255 1.29 -2.10 18.13
CA VAL B 255 2.18 -1.57 17.11
C VAL B 255 3.43 -1.09 17.85
N ILE B 256 4.53 -1.83 17.67
CA ILE B 256 5.78 -1.55 18.38
C ILE B 256 6.72 -0.79 17.46
N GLY B 257 6.95 0.49 17.75
CA GLY B 257 7.85 1.31 16.96
C GLY B 257 9.27 1.17 17.47
N ILE B 258 10.20 0.80 16.57
CA ILE B 258 11.59 0.54 16.94
C ILE B 258 12.38 1.79 16.63
N THR B 259 13.01 2.38 17.66
CA THR B 259 13.83 3.57 17.42
C THR B 259 15.18 3.42 18.09
N LYS B 260 16.21 3.84 17.38
CA LYS B 260 17.52 3.96 18.02
C LYS B 260 17.54 5.20 18.89
N ALA B 261 18.43 5.20 19.88
CA ALA B 261 18.65 6.34 20.76
C ALA B 261 19.35 7.49 20.06
N TYR B 262 19.86 7.26 18.85
CA TYR B 262 20.37 8.30 17.95
C TYR B 262 19.80 8.01 16.55
N SER B 263 20.27 8.69 15.52
CA SER B 263 19.75 8.47 14.16
C SER B 263 20.83 8.09 13.17
N THR B 264 20.45 7.25 12.19
CA THR B 264 21.27 6.95 11.03
C THR B 264 20.41 7.00 9.77
N ARG B 265 21.05 7.28 8.64
CA ARG B 265 20.51 6.85 7.37
C ARG B 265 21.66 6.48 6.46
N VAL B 266 21.40 5.59 5.51
CA VAL B 266 22.38 5.26 4.49
C VAL B 266 21.77 5.60 3.14
N GLY B 267 22.58 6.18 2.25
CA GLY B 267 22.05 6.79 1.05
C GLY B 267 21.83 8.28 1.23
N ASN B 268 21.49 8.93 0.12
CA ASN B 268 21.33 10.38 0.10
C ASN B 268 19.97 10.80 0.64
N GLY B 269 19.76 12.11 0.76
CA GLY B 269 18.51 12.66 1.21
C GLY B 269 18.63 13.55 2.44
N PRO B 270 17.54 14.23 2.79
CA PRO B 270 17.56 15.13 3.95
C PRO B 270 17.76 14.37 5.26
N PHE B 271 18.39 15.04 6.22
CA PHE B 271 18.71 14.45 7.51
C PHE B 271 18.88 15.61 8.47
N PRO B 272 17.77 16.15 9.00
CA PRO B 272 17.86 17.38 9.81
C PRO B 272 18.85 17.30 10.97
N SER B 273 18.93 16.17 11.66
CA SER B 273 19.75 16.05 12.85
C SER B 273 21.11 15.41 12.57
N GLU B 274 21.54 15.39 11.32
CA GLU B 274 22.83 14.79 10.98
C GLU B 274 23.96 15.50 11.71
N ASP B 275 24.98 14.73 12.11
CA ASP B 275 26.19 15.27 12.74
C ASP B 275 27.37 14.80 11.90
N THR B 276 27.99 15.72 11.17
CA THR B 276 29.14 15.40 10.35
C THR B 276 30.47 15.70 11.03
N THR B 277 30.47 16.11 12.30
CA THR B 277 31.69 16.36 13.05
C THR B 277 32.28 15.04 13.54
N PRO B 278 33.46 15.07 14.18
CA PRO B 278 34.00 13.82 14.76
C PRO B 278 33.08 13.14 15.75
N MET B 279 32.11 13.85 16.34
CA MET B 279 31.17 13.16 17.20
C MET B 279 30.25 12.24 16.40
N GLY B 280 29.90 12.65 15.18
CA GLY B 280 29.17 11.74 14.29
C GLY B 280 29.99 10.52 13.90
N ASP B 281 31.28 10.71 13.62
CA ASP B 281 32.15 9.56 13.40
C ASP B 281 32.19 8.64 14.62
N HIS B 282 32.14 9.24 15.82
CA HIS B 282 32.16 8.44 17.04
C HIS B 282 30.92 7.56 17.14
N LEU B 283 29.74 8.11 16.83
CA LEU B 283 28.52 7.30 16.79
C LEU B 283 28.67 6.18 15.78
N ARG B 284 29.27 6.46 14.62
CA ARG B 284 29.43 5.43 13.60
C ARG B 284 30.35 4.33 14.10
N THR B 285 31.46 4.70 14.73
CA THR B 285 32.41 3.72 15.21
C THR B 285 31.83 2.90 16.36
N LYS B 286 31.33 3.57 17.39
CA LYS B 286 30.82 2.85 18.57
C LYS B 286 29.58 2.04 18.24
N GLY B 287 28.73 2.52 17.31
CA GLY B 287 27.54 1.79 16.92
C GLY B 287 27.71 0.79 15.79
N ALA B 288 28.94 0.63 15.30
CA ALA B 288 29.26 -0.24 14.16
C ALA B 288 28.32 -0.01 12.99
N GLU B 289 28.13 1.25 12.62
CA GLU B 289 27.11 1.61 11.63
C GLU B 289 27.71 1.53 10.22
N PHE B 290 27.90 0.29 9.76
CA PHE B 290 28.48 -0.01 8.46
C PHE B 290 27.70 -1.03 7.64
N GLY B 291 26.69 -1.69 8.20
CA GLY B 291 25.88 -2.61 7.43
C GLY B 291 26.37 -4.05 7.51
N THR B 292 25.59 -4.93 6.88
CA THR B 292 25.89 -6.36 6.85
C THR B 292 27.12 -6.63 6.00
N THR B 293 26.99 -6.43 4.69
CA THR B 293 28.13 -6.33 3.79
C THR B 293 28.94 -5.11 4.20
N THR B 294 29.74 -5.22 5.27
CA THR B 294 30.27 -4.08 6.03
C THR B 294 30.99 -3.02 5.20
N LYS B 295 30.52 -2.75 4.00
CA LYS B 295 31.13 -1.78 3.10
C LYS B 295 30.13 -0.67 2.77
N ARG B 296 29.47 -0.11 3.77
CA ARG B 296 28.54 1.00 3.58
C ARG B 296 28.42 1.82 4.85
N PRO B 297 29.35 2.76 5.06
CA PRO B 297 29.26 3.62 6.24
C PRO B 297 27.98 4.45 6.24
N ARG B 298 27.33 4.50 7.40
CA ARG B 298 26.08 5.22 7.54
C ARG B 298 26.33 6.68 7.89
N ARG B 299 25.43 7.54 7.45
CA ARG B 299 25.37 8.88 8.00
C ARG B 299 24.73 8.80 9.38
N CYS B 300 25.32 9.50 10.36
CA CYS B 300 24.85 9.46 11.73
C CYS B 300 24.47 10.84 12.25
N GLY B 301 23.58 10.84 13.23
CA GLY B 301 23.19 12.07 13.88
C GLY B 301 22.39 11.78 15.13
N TRP B 302 21.70 12.79 15.61
CA TRP B 302 21.05 12.70 16.92
C TRP B 302 19.57 12.33 16.79
N LEU B 303 18.98 11.89 17.89
CA LEU B 303 17.55 11.57 17.88
C LEU B 303 16.73 12.80 17.52
N ASP B 304 15.72 12.61 16.67
CA ASP B 304 14.89 13.68 16.11
C ASP B 304 13.44 13.42 16.53
N LEU B 305 12.95 14.16 17.53
CA LEU B 305 11.61 13.92 18.03
C LEU B 305 10.54 14.49 17.11
N VAL B 306 10.88 15.45 16.26
CA VAL B 306 9.91 15.94 15.27
C VAL B 306 9.54 14.82 14.32
N ALA B 307 10.56 14.19 13.74
CA ALA B 307 10.34 13.06 12.86
C ALA B 307 9.73 11.89 13.61
N LEU B 308 10.12 11.69 14.89
CA LEU B 308 9.62 10.54 15.63
C LEU B 308 8.11 10.66 15.86
N LYS B 309 7.65 11.86 16.22
CA LYS B 309 6.22 12.05 16.48
C LYS B 309 5.41 11.86 15.20
N TYR B 310 5.98 12.29 14.06
CA TYR B 310 5.35 12.06 12.76
C TYR B 310 5.20 10.56 12.50
N ALA B 311 6.29 9.81 12.69
CA ALA B 311 6.24 8.38 12.42
C ALA B 311 5.28 7.65 13.37
N CYS B 312 5.21 8.08 14.63
CA CYS B 312 4.28 7.42 15.56
C CYS B 312 2.84 7.64 15.17
N ALA B 313 2.53 8.83 14.64
CA ALA B 313 1.17 9.11 14.18
C ALA B 313 0.80 8.27 12.96
N LEU B 314 1.72 8.14 12.00
CA LEU B 314 1.45 7.33 10.81
C LEU B 314 1.25 5.87 11.15
N ASN B 315 1.95 5.34 12.16
CA ASN B 315 1.86 3.94 12.49
C ASN B 315 0.85 3.62 13.58
N GLY B 316 0.48 4.61 14.39
CA GLY B 316 -0.33 4.34 15.58
C GLY B 316 0.41 3.55 16.64
N CYS B 317 1.70 3.82 16.82
CA CYS B 317 2.48 3.07 17.83
C CYS B 317 1.80 3.05 19.19
N THR B 318 1.72 1.86 19.78
CA THR B 318 1.19 1.70 21.14
C THR B 318 2.30 1.52 22.16
N GLN B 319 3.50 1.21 21.71
CA GLN B 319 4.67 1.11 22.58
C GLN B 319 5.89 1.33 21.70
N LEU B 320 6.99 1.72 22.34
CA LEU B 320 8.24 1.93 21.65
C LEU B 320 9.31 1.00 22.22
N ALA B 321 10.25 0.61 21.37
CA ALA B 321 11.47 -0.06 21.80
C ALA B 321 12.63 0.89 21.52
N LEU B 322 13.39 1.22 22.56
CA LEU B 322 14.51 2.16 22.44
C LEU B 322 15.80 1.34 22.40
N MET B 323 16.54 1.45 21.31
CA MET B 323 17.66 0.56 20.97
C MET B 323 18.99 1.30 21.07
N LYS B 324 20.03 0.56 21.47
CA LYS B 324 21.42 1.02 21.38
C LYS B 324 21.77 2.15 22.35
N LEU B 325 21.12 2.19 23.52
CA LEU B 325 21.53 3.12 24.56
C LEU B 325 23.00 2.94 24.92
N ASP B 326 23.52 1.72 24.78
CA ASP B 326 24.90 1.45 25.15
C ASP B 326 25.89 2.11 24.21
N VAL B 327 25.48 2.44 22.99
CA VAL B 327 26.38 3.13 22.07
C VAL B 327 26.70 4.53 22.59
N LEU B 328 25.81 5.11 23.38
CA LEU B 328 26.01 6.45 23.91
C LEU B 328 26.82 6.45 25.21
N ASP B 329 27.23 5.27 25.70
CA ASP B 329 28.02 5.20 26.91
C ASP B 329 29.28 6.06 26.75
N GLY B 330 29.52 6.95 27.71
CA GLY B 330 30.74 7.73 27.75
C GLY B 330 30.67 9.05 27.01
N ILE B 331 29.59 9.33 26.29
CA ILE B 331 29.44 10.63 25.64
C ILE B 331 28.98 11.64 26.68
N ASP B 332 29.70 12.76 26.79
CA ASP B 332 29.47 13.68 27.89
C ASP B 332 28.11 14.37 27.79
N ALA B 333 27.68 14.71 26.57
CA ALA B 333 26.44 15.45 26.35
C ALA B 333 25.68 14.84 25.18
N ILE B 334 24.42 14.49 25.40
CA ILE B 334 23.57 13.91 24.36
C ILE B 334 22.60 14.97 23.86
N LYS B 335 22.56 15.16 22.56
CA LYS B 335 21.64 16.11 21.94
C LYS B 335 20.39 15.39 21.44
N VAL B 336 19.24 16.04 21.57
CA VAL B 336 17.98 15.58 20.99
C VAL B 336 17.38 16.76 20.24
N CYS B 337 17.01 16.54 18.99
CA CYS B 337 16.33 17.58 18.21
C CYS B 337 14.87 17.61 18.61
N VAL B 338 14.44 18.71 19.23
CA VAL B 338 13.08 18.83 19.76
C VAL B 338 12.16 19.64 18.84
N ALA B 339 12.71 20.35 17.87
CA ALA B 339 11.94 21.19 16.95
C ALA B 339 12.84 21.53 15.78
N TYR B 340 12.23 21.97 14.69
CA TYR B 340 12.99 22.48 13.56
C TYR B 340 12.84 24.00 13.53
N GLU B 341 13.79 24.65 12.87
CA GLU B 341 13.68 26.06 12.53
C GLU B 341 13.86 26.17 11.02
N ARG B 342 13.05 27.01 10.39
CA ARG B 342 13.17 27.28 8.96
C ARG B 342 13.19 28.80 8.77
N LYS B 343 14.32 29.31 8.30
CA LYS B 343 14.53 30.75 8.10
C LYS B 343 14.01 31.56 9.29
N GLY B 344 14.41 31.13 10.49
CA GLY B 344 14.05 31.85 11.69
C GLY B 344 12.68 31.53 12.25
N GLU B 345 11.91 30.65 11.62
CA GLU B 345 10.59 30.26 12.09
C GLU B 345 10.67 28.86 12.69
N ARG B 346 10.15 28.71 13.90
CA ARG B 346 10.12 27.42 14.58
C ARG B 346 8.94 26.59 14.10
N LEU B 347 9.21 25.31 13.84
CA LEU B 347 8.21 24.34 13.38
C LEU B 347 8.14 23.18 14.36
N GLU B 348 6.95 22.96 14.93
CA GLU B 348 6.69 21.83 15.81
C GLU B 348 6.40 20.54 15.05
N ILE B 349 5.84 20.64 13.84
CA ILE B 349 5.30 19.52 13.09
C ILE B 349 6.20 19.22 11.89
N PHE B 350 6.46 17.94 11.63
CA PHE B 350 7.28 17.49 10.52
C PHE B 350 6.69 17.95 9.18
N PRO B 351 7.39 18.76 8.38
CA PRO B 351 6.80 19.30 7.16
C PRO B 351 7.03 18.39 5.97
N SER B 352 6.28 18.65 4.88
CA SER B 352 6.40 17.81 3.71
C SER B 352 7.64 18.12 2.88
N ASP B 353 8.31 19.24 3.15
CA ASP B 353 9.54 19.61 2.48
C ASP B 353 10.51 20.02 3.58
N LEU B 354 11.64 19.31 3.66
CA LEU B 354 12.63 19.56 4.71
C LEU B 354 13.69 20.59 4.30
N LYS B 355 13.53 21.23 3.14
CA LYS B 355 14.52 22.22 2.70
C LYS B 355 14.63 23.34 3.72
N ASP B 356 15.87 23.70 4.06
CA ASP B 356 16.19 24.78 5.00
C ASP B 356 15.75 24.52 6.43
N CYS B 357 15.40 23.28 6.78
CA CYS B 357 14.98 22.97 8.13
C CYS B 357 16.24 22.60 8.91
N VAL B 358 16.46 23.28 10.03
CA VAL B 358 17.65 23.02 10.86
C VAL B 358 17.17 22.63 12.24
N PRO B 359 17.99 21.88 12.99
CA PRO B 359 17.54 21.39 14.29
C PRO B 359 17.67 22.41 15.41
N ILE B 360 16.72 22.34 16.34
CA ILE B 360 16.80 22.95 17.66
C ILE B 360 17.06 21.83 18.66
N TYR B 361 18.16 21.92 19.41
CA TYR B 361 18.64 20.82 20.23
C TYR B 361 18.48 21.11 21.71
N GLN B 362 17.89 20.16 22.44
CA GLN B 362 18.01 20.12 23.89
C GLN B 362 19.08 19.11 24.25
N THR B 363 19.90 19.41 25.26
CA THR B 363 21.02 18.56 25.63
C THR B 363 20.77 17.87 26.97
N PHE B 364 21.34 16.68 27.12
CA PHE B 364 21.10 15.83 28.28
C PHE B 364 22.43 15.35 28.83
N LYS B 365 22.53 15.28 30.16
CA LYS B 365 23.73 14.75 30.78
C LYS B 365 23.91 13.29 30.38
N GLY B 366 25.13 12.93 30.00
CA GLY B 366 25.41 11.58 29.57
C GLY B 366 25.59 10.59 30.69
N TRP B 367 25.89 9.35 30.30
CA TRP B 367 26.06 8.24 31.23
C TRP B 367 27.29 7.43 30.80
N GLU B 368 27.64 6.41 31.63
CA GLU B 368 28.88 5.69 31.40
C GLU B 368 28.74 4.19 31.16
N LYS B 369 27.69 3.53 31.63
CA LYS B 369 27.74 2.08 31.72
C LYS B 369 26.36 1.42 31.56
N SER B 370 25.61 1.80 30.52
CA SER B 370 24.36 1.09 30.29
C SER B 370 24.56 -0.30 29.66
N VAL B 371 25.74 -0.56 29.08
CA VAL B 371 25.93 -1.76 28.28
C VAL B 371 25.62 -3.03 29.08
N GLY B 372 24.76 -3.89 28.53
CA GLY B 372 24.43 -5.18 29.09
C GLY B 372 23.50 -5.16 30.28
N VAL B 373 22.99 -3.99 30.70
CA VAL B 373 22.10 -3.94 31.85
C VAL B 373 20.77 -4.60 31.51
N ARG B 374 20.22 -5.33 32.48
CA ARG B 374 19.01 -6.11 32.26
C ARG B 374 17.87 -5.78 33.19
N LYS B 375 18.06 -4.86 34.14
CA LYS B 375 16.97 -4.40 34.99
C LYS B 375 16.92 -2.89 34.98
N LEU B 376 15.70 -2.35 34.89
CA LEU B 376 15.51 -0.90 34.85
C LEU B 376 16.16 -0.24 36.06
N ASP B 377 16.10 -0.89 37.23
CA ASP B 377 16.66 -0.36 38.47
C ASP B 377 18.18 -0.21 38.43
N ASP B 378 18.86 -0.96 37.57
CA ASP B 378 20.30 -0.88 37.49
C ASP B 378 20.81 0.16 36.52
N LEU B 379 19.93 0.80 35.75
CA LEU B 379 20.36 1.86 34.86
C LEU B 379 20.71 3.11 35.66
N GLU B 380 21.71 3.85 35.17
CA GLU B 380 22.09 5.10 35.79
C GLU B 380 20.95 6.11 35.72
N PRO B 381 20.85 7.02 36.69
CA PRO B 381 19.77 8.01 36.68
C PRO B 381 19.70 8.84 35.40
N ASN B 382 20.84 9.16 34.78
CA ASN B 382 20.81 9.97 33.56
C ASN B 382 20.16 9.21 32.40
N VAL B 383 20.42 7.89 32.31
CA VAL B 383 19.69 7.07 31.34
C VAL B 383 18.19 7.15 31.59
N ARG B 384 17.79 6.99 32.85
CA ARG B 384 16.37 7.00 33.19
C ARG B 384 15.70 8.30 32.78
N GLU B 385 16.40 9.43 32.97
CA GLU B 385 15.79 10.71 32.60
C GLU B 385 15.68 10.86 31.09
N TYR B 386 16.69 10.41 30.34
CA TYR B 386 16.61 10.43 28.88
C TYR B 386 15.40 9.63 28.39
N ILE B 387 15.20 8.44 28.97
CA ILE B 387 14.05 7.61 28.59
C ILE B 387 12.74 8.31 28.91
N ARG B 388 12.60 8.84 30.13
CA ARG B 388 11.37 9.52 30.53
C ARG B 388 11.09 10.70 29.61
N PHE B 389 12.13 11.44 29.21
CA PHE B 389 11.92 12.60 28.34
C PHE B 389 11.34 12.17 27.00
N ILE B 390 11.92 11.13 26.38
CA ILE B 390 11.46 10.68 25.07
C ILE B 390 10.00 10.25 25.14
N GLU B 391 9.65 9.40 26.10
CA GLU B 391 8.27 8.92 26.16
C GLU B 391 7.30 10.04 26.48
N LYS B 392 7.69 11.00 27.32
CA LYS B 392 6.79 12.11 27.61
C LYS B 392 6.58 12.99 26.38
N GLU B 393 7.65 13.29 25.66
CA GLU B 393 7.56 14.18 24.50
C GLU B 393 6.79 13.53 23.36
N VAL B 394 7.01 12.24 23.13
CA VAL B 394 6.37 11.56 22.02
C VAL B 394 4.98 11.04 22.38
N GLY B 395 4.72 10.80 23.66
CA GLY B 395 3.40 10.38 24.09
C GLY B 395 3.12 8.90 23.92
N VAL B 396 4.16 8.08 23.80
CA VAL B 396 4.03 6.64 23.64
C VAL B 396 4.98 6.01 24.66
N LYS B 397 4.49 5.04 25.42
CA LYS B 397 5.30 4.42 26.46
C LYS B 397 6.44 3.60 25.84
N ILE B 398 7.64 3.75 26.40
CA ILE B 398 8.77 2.90 26.03
C ILE B 398 8.66 1.62 26.87
N ARG B 399 8.45 0.49 26.20
CA ARG B 399 8.23 -0.78 26.88
C ARG B 399 9.37 -1.78 26.74
N LEU B 400 10.32 -1.54 25.83
CA LEU B 400 11.50 -2.37 25.64
C LEU B 400 12.72 -1.47 25.56
N ILE B 401 13.80 -1.87 26.23
CA ILE B 401 15.06 -1.13 26.19
C ILE B 401 16.17 -2.13 25.88
N SER B 402 16.94 -1.88 24.83
CA SER B 402 18.01 -2.78 24.42
C SER B 402 19.36 -2.21 24.80
N THR B 403 20.24 -3.04 25.41
CA THR B 403 21.52 -2.55 25.92
C THR B 403 22.73 -3.30 25.33
N SER B 404 22.53 -4.16 24.34
CA SER B 404 23.59 -4.81 23.59
C SER B 404 22.96 -5.56 22.42
N PRO B 405 23.74 -6.06 21.46
CA PRO B 405 23.15 -6.87 20.38
C PRO B 405 22.49 -8.15 20.86
N GLU B 406 22.87 -8.68 22.01
CA GLU B 406 22.39 -10.00 22.44
C GLU B 406 20.90 -9.98 22.73
N ARG B 407 20.20 -11.02 22.26
CA ARG B 407 18.78 -11.21 22.52
C ARG B 407 18.40 -10.93 23.97
N GLU B 408 19.16 -11.47 24.93
CA GLU B 408 18.71 -11.38 26.32
C GLU B 408 19.08 -10.06 27.00
N ASP B 409 19.88 -9.22 26.37
CA ASP B 409 20.19 -7.90 26.92
C ASP B 409 19.06 -6.93 26.55
N THR B 410 17.88 -7.19 27.10
CA THR B 410 16.66 -6.45 26.79
C THR B 410 15.83 -6.31 28.06
N ILE B 411 15.46 -5.07 28.38
CA ILE B 411 14.65 -4.75 29.55
C ILE B 411 13.20 -4.60 29.11
N PHE B 412 12.30 -5.29 29.81
CA PHE B 412 10.86 -5.19 29.59
C PHE B 412 10.25 -4.33 30.69
N LEU B 413 9.45 -3.33 30.30
CA LEU B 413 8.79 -2.43 31.24
C LEU B 413 7.28 -2.56 31.11
#